data_7L6V
#
_entry.id   7L6V
#
_cell.length_a   115.899
_cell.length_b   157.645
_cell.length_c   173.001
_cell.angle_alpha   90.000
_cell.angle_beta   90.000
_cell.angle_gamma   90.000
#
_symmetry.space_group_name_H-M   'I 2 2 2'
#
loop_
_entity.id
_entity.type
_entity.pdbx_description
1 polymer BoNT/A
2 polymer JPU-C1
3 polymer JPU-A5
4 polymer JPU-H7
5 polymer 'Single-domain antibody VHH ciA-F12'
6 polymer JPU-D12
7 non-polymer 1,2-ETHANEDIOL
8 non-polymer 'ZINC ION'
9 water water
#
loop_
_entity_poly.entity_id
_entity_poly.type
_entity_poly.pdbx_seq_one_letter_code
_entity_poly.pdbx_strand_id
1 'polypeptide(L)'
;GPLGSMPFVNKQFNYKDPVNGVDIAYIKIPNAGQMQPVKAFKIHNKIWVIPERDTFTNPEEGDLNPPPEAKQVPVSYYDS
TYLSTDNEKDNYLKGVTKLFERIYSTDLGRMLLTSIVRGIPFWGGSTIDTELKVIDTNCINVIQPDGSYRSEELNLVIIG
PSADIIQFECKSFGHEVLNLTRNGYGSTQYIRFSPDFTFGFEESLEVDTNPLLGAGKFATDPAVTLAHELIHAGHRLYGI
AINPNRVFKVNTNAYYEMSGLEVSFEELRTFGGHDAKFIDSLQENEFRLYYYNKFKDIASTLNKAKSIVGTTASLQYMKN
VFKEKYLLSEDTSGKFSVDKLKFDKLYKMLTEIYTEDNFVKFFKVLNRKTYLNFDKAVFKINIVPKVNYTIYDGFNLRNT
NLAANFNGQNTEINNMNFTKLKNFT
;
A
2 'polypeptide(L)'
;GPLGSQVQLAESGGGLVQPGGSLRLSCAASGFTFNRYVIRWYRQAPGKERELVAGISRSGDSGRYVDSVKGRFTISRDND
KNMAYLQMSSLKPDDTAVYYCSALNLEDMEYWGQGTQVTVSS
;
B
3 'polypeptide(L)'
;GPLGSQVQLVETGGGLVQAGGSLRLSCTASGADFSFYAMGWYRQTPGNSRELVAVMNLNGVISYGDSARGRFDISRDGTK
NIVFLQMNSLKPEDTGVYYCNGMRLYTRGSVRHPESWGQGIQVTVSS
;
C
4 'polypeptide(L)'
;GPLGSQVQLVESGGGSVQPGGSLRLSCAAIGSVFTMYTTAWYRQTPGNLRELVASITDEHRTNYAASAEGRFTISRDNAK
HTVDLQMTNLKPEDTAVYYCKLEHDLGYYDYWGQGTQVTVSS
;
D
5 'polypeptide(L)'
;GPLGSQVQLVESGGGLVQPGGSLRLSCAASGFTLGSRYMSWVRQAPGEGFEWVSSIEPSGTAWDGDSAKGRFTTSRDDAK
NTLYLQMSNLQPEDTGVYYCATGYRTDTRIPGGSWGQGTQVTVSS
;
E
6 'polypeptide(L)'
;GPLGSQLQLVESGGGTVQPGGTLRLSCAASGFTLDEYAIGWFRQAPGKEREGVSCISSSASISYADSVKGRFTISRDNAK
NTVYLTMNSLKPEDTGVYYCARAFLACGPVAGWGTEYDYWGQGTQVTVSS
;
F
#
# COMPACT_ATOMS: atom_id res chain seq x y z
N SER A 5 -1.38 -21.80 -9.76
CA SER A 5 -0.22 -22.32 -10.47
C SER A 5 0.60 -21.24 -11.20
N MET A 6 -0.01 -20.10 -11.59
CA MET A 6 0.88 -19.01 -11.94
C MET A 6 1.45 -18.39 -10.67
N PRO A 7 2.73 -18.04 -10.66
CA PRO A 7 3.27 -17.35 -9.48
C PRO A 7 2.70 -15.95 -9.39
N PHE A 8 2.66 -15.43 -8.17
CA PHE A 8 2.21 -14.06 -7.97
C PHE A 8 3.20 -13.07 -8.58
N VAL A 9 4.48 -13.40 -8.50
CA VAL A 9 5.56 -12.59 -9.06
C VAL A 9 6.06 -13.35 -10.28
N ASN A 10 5.52 -13.00 -11.45
CA ASN A 10 5.67 -13.77 -12.68
C ASN A 10 7.02 -13.60 -13.35
N LYS A 11 7.97 -12.95 -12.69
CA LYS A 11 9.23 -12.59 -13.30
C LYS A 11 10.32 -12.70 -12.24
N GLN A 12 11.54 -12.98 -12.67
CA GLN A 12 12.67 -13.04 -11.76
C GLN A 12 13.37 -11.68 -11.76
N PHE A 13 13.36 -11.02 -10.60
CA PHE A 13 14.02 -9.73 -10.43
C PHE A 13 15.35 -9.90 -9.72
N ASN A 14 16.38 -9.23 -10.23
CA ASN A 14 17.62 -8.99 -9.51
C ASN A 14 17.77 -7.50 -9.34
N TYR A 15 18.28 -7.09 -8.17
CA TYR A 15 18.31 -5.66 -7.86
C TYR A 15 19.05 -4.87 -8.93
N LYS A 16 20.06 -5.47 -9.55
CA LYS A 16 20.88 -4.78 -10.53
C LYS A 16 20.36 -4.93 -11.96
N ASP A 17 19.19 -5.53 -12.15
CA ASP A 17 18.63 -5.58 -13.49
C ASP A 17 18.38 -4.15 -13.99
N PRO A 18 18.69 -3.86 -15.26
CA PRO A 18 18.46 -2.50 -15.76
C PRO A 18 16.98 -2.15 -15.77
N VAL A 19 16.70 -0.86 -15.58
CA VAL A 19 15.33 -0.38 -15.65
C VAL A 19 14.71 -0.63 -17.04
N ASN A 20 13.38 -0.76 -17.07
CA ASN A 20 12.61 -0.77 -18.30
C ASN A 20 11.44 0.20 -18.26
N GLY A 21 11.18 0.84 -17.14
CA GLY A 21 10.09 1.80 -17.06
C GLY A 21 8.72 1.20 -16.88
N VAL A 22 8.61 -0.13 -16.77
CA VAL A 22 7.33 -0.80 -16.65
C VAL A 22 7.29 -1.54 -15.33
N ASP A 23 8.24 -2.46 -15.10
CA ASP A 23 8.31 -3.16 -13.84
C ASP A 23 9.66 -3.05 -13.15
N ILE A 24 10.64 -2.39 -13.76
CA ILE A 24 11.84 -1.94 -13.06
C ILE A 24 12.05 -0.49 -13.46
N ALA A 25 12.09 0.42 -12.47
CA ALA A 25 12.18 1.85 -12.85
C ALA A 25 12.52 2.72 -11.65
N TYR A 26 13.24 3.81 -11.87
CA TYR A 26 13.47 4.79 -10.77
C TYR A 26 12.14 5.52 -10.62
N ILE A 27 11.69 5.75 -9.39
CA ILE A 27 10.39 6.35 -9.15
C ILE A 27 10.55 7.45 -8.10
N LYS A 28 9.60 8.38 -8.13
CA LYS A 28 9.46 9.44 -7.13
C LYS A 28 8.06 9.36 -6.54
N ILE A 29 7.95 9.56 -5.23
CA ILE A 29 6.64 9.52 -4.60
C ILE A 29 6.11 10.93 -4.46
N PRO A 30 4.81 11.11 -4.38
CA PRO A 30 4.23 12.46 -4.52
C PRO A 30 4.48 13.30 -3.27
N ASN A 31 4.76 14.57 -3.49
CA ASN A 31 4.99 15.56 -2.42
C ASN A 31 6.23 15.26 -1.60
N ALA A 32 7.10 14.36 -2.08
CA ALA A 32 8.44 14.21 -1.54
C ALA A 32 9.41 14.74 -2.58
N GLY A 33 9.19 15.99 -3.00
CA GLY A 33 9.88 16.52 -4.16
C GLY A 33 11.39 16.48 -4.05
N GLN A 34 11.91 16.74 -2.85
CA GLN A 34 13.36 16.77 -2.74
C GLN A 34 13.99 15.39 -2.60
N MET A 35 13.18 14.32 -2.57
CA MET A 35 13.74 12.98 -2.49
C MET A 35 14.49 12.62 -3.78
N GLN A 36 15.56 11.86 -3.61
CA GLN A 36 16.24 11.28 -4.76
C GLN A 36 15.37 10.16 -5.36
N PRO A 37 15.29 10.05 -6.69
CA PRO A 37 14.61 8.88 -7.27
C PRO A 37 15.22 7.60 -6.72
N VAL A 38 14.37 6.60 -6.46
CA VAL A 38 14.78 5.32 -5.89
C VAL A 38 14.37 4.18 -6.83
N LYS A 39 15.21 3.16 -6.92
CA LYS A 39 14.93 2.05 -7.83
C LYS A 39 13.84 1.17 -7.22
N ALA A 40 12.83 0.85 -8.03
CA ALA A 40 11.66 0.13 -7.55
C ALA A 40 11.30 -0.99 -8.53
N PHE A 41 10.50 -1.93 -8.04
CA PHE A 41 10.22 -3.17 -8.75
C PHE A 41 8.74 -3.47 -8.63
N LYS A 42 8.06 -3.59 -9.77
CA LYS A 42 6.62 -3.84 -9.78
C LYS A 42 6.44 -5.35 -9.80
N ILE A 43 6.31 -5.93 -8.62
CA ILE A 43 6.33 -7.38 -8.49
C ILE A 43 5.01 -7.99 -8.94
N HIS A 44 3.93 -7.20 -8.97
CA HIS A 44 2.62 -7.64 -9.41
C HIS A 44 1.84 -6.37 -9.76
N ASN A 45 0.87 -6.49 -10.67
CA ASN A 45 0.01 -5.35 -10.94
C ASN A 45 -0.36 -4.65 -9.65
N LYS A 46 -0.18 -3.34 -9.62
CA LYS A 46 -0.60 -2.48 -8.52
C LYS A 46 0.29 -2.60 -7.28
N ILE A 47 1.38 -3.37 -7.32
CA ILE A 47 2.22 -3.62 -6.13
C ILE A 47 3.69 -3.44 -6.49
N TRP A 48 4.33 -2.47 -5.84
CA TRP A 48 5.73 -2.13 -6.09
C TRP A 48 6.54 -2.38 -4.82
N VAL A 49 7.81 -2.75 -4.99
CA VAL A 49 8.74 -2.93 -3.87
C VAL A 49 9.89 -1.94 -4.03
N ILE A 50 10.17 -1.19 -2.98
CA ILE A 50 11.27 -0.24 -2.93
C ILE A 50 12.26 -0.70 -1.87
N PRO A 51 13.38 -1.29 -2.26
CA PRO A 51 14.37 -1.75 -1.27
C PRO A 51 15.24 -0.60 -0.73
N GLU A 52 14.60 0.34 -0.04
CA GLU A 52 15.27 1.48 0.55
C GLU A 52 14.71 1.70 1.95
N ARG A 53 15.56 2.20 2.86
CA ARG A 53 15.05 2.72 4.12
C ARG A 53 14.09 3.87 3.85
N ASP A 54 12.96 3.88 4.55
CA ASP A 54 11.94 4.88 4.25
C ASP A 54 12.27 6.22 4.91
N THR A 55 13.00 7.05 4.18
CA THR A 55 13.24 8.44 4.52
C THR A 55 12.35 9.39 3.71
N PHE A 56 11.27 8.89 3.10
CA PHE A 56 10.49 9.68 2.13
C PHE A 56 9.05 9.93 2.54
N THR A 57 8.34 8.94 3.09
CA THR A 57 6.93 9.14 3.31
C THR A 57 6.65 10.22 4.35
N ASN A 58 7.49 10.34 5.38
CA ASN A 58 7.29 11.29 6.46
C ASN A 58 8.46 12.27 6.47
N PRO A 59 8.22 13.55 6.18
CA PRO A 59 9.34 14.49 6.10
C PRO A 59 10.03 14.72 7.44
N GLU A 60 9.38 14.41 8.55
CA GLU A 60 10.00 14.49 9.86
C GLU A 60 10.74 13.20 10.23
N GLU A 61 10.86 12.26 9.29
CA GLU A 61 11.68 11.07 9.47
C GLU A 61 12.56 10.89 8.26
N GLY A 62 13.28 11.96 7.90
CA GLY A 62 14.04 12.03 6.67
C GLY A 62 15.46 11.55 6.77
N ASP A 63 15.86 10.98 7.91
CA ASP A 63 17.17 10.39 8.09
C ASP A 63 17.02 9.23 9.06
N LEU A 64 18.13 8.55 9.33
CA LEU A 64 18.11 7.36 10.16
C LEU A 64 18.76 7.62 11.52
N ASN A 65 18.87 8.87 11.90
CA ASN A 65 19.38 9.19 13.23
C ASN A 65 18.42 8.65 14.29
N PRO A 66 18.90 7.88 15.25
CA PRO A 66 18.02 7.43 16.35
C PRO A 66 17.76 8.56 17.33
N PRO A 67 16.75 8.43 18.17
CA PRO A 67 16.57 9.37 19.27
C PRO A 67 17.69 9.20 20.29
N PRO A 68 17.82 10.13 21.22
CA PRO A 68 18.72 9.90 22.35
C PRO A 68 18.40 8.58 23.04
N GLU A 69 19.44 7.94 23.57
CA GLU A 69 19.27 6.60 24.16
C GLU A 69 18.14 6.57 25.19
N ALA A 70 18.08 7.57 26.09
CA ALA A 70 16.99 7.61 27.06
C ALA A 70 15.62 7.61 26.38
N LYS A 71 15.54 8.03 25.14
CA LYS A 71 14.26 8.16 24.48
C LYS A 71 13.93 6.95 23.60
N GLN A 72 14.80 5.95 23.56
CA GLN A 72 14.51 4.71 22.84
C GLN A 72 13.75 3.77 23.77
N VAL A 73 12.66 3.22 23.27
CA VAL A 73 11.85 2.30 24.07
C VAL A 73 12.53 0.94 24.05
N PRO A 74 12.25 0.07 25.02
CA PRO A 74 12.88 -1.26 25.03
C PRO A 74 12.75 -2.01 23.73
N VAL A 75 11.56 -2.01 23.11
CA VAL A 75 11.35 -2.72 21.85
C VAL A 75 11.62 -1.72 20.72
N SER A 76 12.87 -1.65 20.29
CA SER A 76 13.30 -0.80 19.20
C SER A 76 14.67 -1.31 18.77
N TYR A 77 15.04 -1.04 17.53
CA TYR A 77 16.33 -1.50 17.03
C TYR A 77 16.84 -0.57 15.95
N TYR A 78 18.04 -0.02 16.13
CA TYR A 78 18.62 0.97 15.23
C TYR A 78 19.93 0.44 14.65
N ASP A 79 20.05 0.52 13.33
CA ASP A 79 21.31 0.26 12.65
C ASP A 79 21.23 1.03 11.34
N SER A 80 21.87 2.19 11.30
CA SER A 80 21.77 3.08 10.15
C SER A 80 22.41 2.48 8.90
N THR A 81 23.20 1.41 9.03
CA THR A 81 23.86 0.81 7.88
C THR A 81 23.00 -0.25 7.20
N TYR A 82 21.92 -0.68 7.83
CA TYR A 82 21.10 -1.74 7.25
C TYR A 82 20.44 -1.25 5.96
N LEU A 83 20.56 -2.05 4.90
CA LEU A 83 19.89 -1.81 3.63
C LEU A 83 20.51 -0.63 2.89
N SER A 84 21.84 -0.58 2.87
CA SER A 84 22.58 0.48 2.19
C SER A 84 23.34 0.01 0.97
N THR A 85 23.46 -1.29 0.73
CA THR A 85 24.27 -1.84 -0.35
C THR A 85 23.40 -2.60 -1.33
N ASP A 86 23.88 -2.70 -2.57
CA ASP A 86 23.13 -3.40 -3.60
C ASP A 86 22.85 -4.85 -3.20
N ASN A 87 23.81 -5.50 -2.53
CA ASN A 87 23.61 -6.90 -2.14
C ASN A 87 22.48 -7.03 -1.12
N GLU A 88 22.41 -6.12 -0.14
CA GLU A 88 21.28 -6.18 0.78
C GLU A 88 19.95 -5.91 0.06
N LYS A 89 19.95 -4.95 -0.86
CA LYS A 89 18.73 -4.63 -1.59
C LYS A 89 18.28 -5.78 -2.46
N ASP A 90 19.24 -6.51 -3.04
CA ASP A 90 18.87 -7.70 -3.79
C ASP A 90 18.24 -8.74 -2.88
N ASN A 91 18.88 -8.99 -1.74
CA ASN A 91 18.37 -9.98 -0.81
C ASN A 91 17.02 -9.55 -0.23
N TYR A 92 16.87 -8.26 0.06
CA TYR A 92 15.59 -7.73 0.54
C TYR A 92 14.48 -7.97 -0.49
N LEU A 93 14.77 -7.65 -1.75
CA LEU A 93 13.76 -7.78 -2.81
C LEU A 93 13.29 -9.22 -2.94
N LYS A 94 14.25 -10.16 -2.96
CA LYS A 94 13.91 -11.57 -3.12
C LYS A 94 13.25 -12.13 -1.87
N GLY A 95 13.62 -11.63 -0.69
CA GLY A 95 12.89 -11.99 0.53
C GLY A 95 11.44 -11.55 0.48
N VAL A 96 11.19 -10.33 0.02
CA VAL A 96 9.81 -9.85 -0.05
C VAL A 96 9.01 -10.66 -1.07
N THR A 97 9.57 -10.86 -2.27
CA THR A 97 8.83 -11.63 -3.28
C THR A 97 8.55 -13.05 -2.79
N LYS A 98 9.51 -13.67 -2.11
CA LYS A 98 9.28 -15.02 -1.63
C LYS A 98 8.13 -15.05 -0.62
N LEU A 99 8.07 -14.05 0.26
CA LEU A 99 6.95 -13.97 1.20
C LEU A 99 5.62 -13.76 0.49
N PHE A 100 5.59 -12.91 -0.54
CA PHE A 100 4.36 -12.80 -1.32
C PHE A 100 3.95 -14.14 -1.89
N GLU A 101 4.90 -14.94 -2.41
CA GLU A 101 4.52 -16.23 -2.98
C GLU A 101 4.01 -17.16 -1.88
N ARG A 102 4.66 -17.13 -0.72
CA ARG A 102 4.20 -17.97 0.39
C ARG A 102 2.77 -17.62 0.75
N ILE A 103 2.46 -16.33 0.83
CA ILE A 103 1.10 -15.91 1.14
C ILE A 103 0.15 -16.34 0.03
N TYR A 104 0.52 -16.06 -1.23
CA TYR A 104 -0.33 -16.38 -2.38
C TYR A 104 -0.56 -17.87 -2.53
N SER A 105 0.30 -18.70 -1.94
CA SER A 105 0.18 -20.14 -2.10
C SER A 105 -0.88 -20.74 -1.20
N THR A 106 -1.42 -19.97 -0.26
CA THR A 106 -2.58 -20.39 0.52
C THR A 106 -3.83 -19.78 -0.11
N ASP A 107 -4.97 -20.46 0.06
CA ASP A 107 -6.23 -19.90 -0.46
C ASP A 107 -6.57 -18.60 0.24
N LEU A 108 -6.29 -18.53 1.55
CA LEU A 108 -6.50 -17.29 2.30
C LEU A 108 -5.66 -16.17 1.71
N GLY A 109 -4.37 -16.44 1.46
CA GLY A 109 -3.50 -15.42 0.92
C GLY A 109 -3.86 -15.05 -0.51
N ARG A 110 -4.16 -16.05 -1.35
CA ARG A 110 -4.62 -15.74 -2.69
C ARG A 110 -5.82 -14.80 -2.64
N MET A 111 -6.76 -15.08 -1.74
CA MET A 111 -7.95 -14.26 -1.60
C MET A 111 -7.56 -12.84 -1.18
N LEU A 112 -6.81 -12.72 -0.08
CA LEU A 112 -6.38 -11.40 0.39
C LEU A 112 -5.68 -10.62 -0.72
N LEU A 113 -4.74 -11.28 -1.41
CA LEU A 113 -4.01 -10.54 -2.43
C LEU A 113 -4.92 -10.15 -3.60
N THR A 114 -5.97 -10.96 -3.86
CA THR A 114 -6.94 -10.58 -4.89
C THR A 114 -7.71 -9.34 -4.45
N SER A 115 -8.14 -9.30 -3.18
CA SER A 115 -8.78 -8.11 -2.65
C SER A 115 -7.86 -6.90 -2.78
N ILE A 116 -6.58 -7.08 -2.48
CA ILE A 116 -5.65 -5.94 -2.51
C ILE A 116 -5.48 -5.45 -3.94
N VAL A 117 -5.33 -6.37 -4.89
CA VAL A 117 -5.13 -5.96 -6.27
C VAL A 117 -6.34 -5.22 -6.80
N ARG A 118 -7.56 -5.65 -6.44
CA ARG A 118 -8.70 -4.93 -6.96
C ARG A 118 -9.16 -3.77 -6.07
N GLY A 119 -8.48 -3.50 -4.95
CA GLY A 119 -8.89 -2.40 -4.10
C GLY A 119 -8.34 -1.04 -4.51
N ILE A 120 -8.58 -0.66 -5.75
CA ILE A 120 -8.01 0.57 -6.31
C ILE A 120 -8.55 1.79 -5.55
N PRO A 121 -7.70 2.70 -5.09
CA PRO A 121 -8.20 3.93 -4.45
C PRO A 121 -9.18 4.66 -5.37
N PHE A 122 -10.28 5.11 -4.79
CA PHE A 122 -11.35 5.73 -5.58
C PHE A 122 -10.91 7.03 -6.24
N TRP A 123 -11.51 7.31 -7.40
CA TRP A 123 -11.24 8.54 -8.15
C TRP A 123 -12.17 9.66 -7.65
N GLY A 124 -11.88 10.11 -6.43
CA GLY A 124 -12.69 11.13 -5.81
C GLY A 124 -11.99 12.46 -5.59
N GLY A 125 -11.09 12.83 -6.49
CA GLY A 125 -10.24 13.98 -6.26
C GLY A 125 -10.66 15.31 -6.86
N SER A 126 -11.82 15.40 -7.50
CA SER A 126 -12.21 16.67 -8.10
C SER A 126 -13.07 17.47 -7.12
N THR A 127 -13.01 18.79 -7.26
CA THR A 127 -13.98 19.67 -6.61
C THR A 127 -15.31 19.69 -7.34
N ILE A 128 -15.36 19.17 -8.56
CA ILE A 128 -16.59 19.00 -9.31
C ILE A 128 -17.14 17.60 -9.05
N ASP A 129 -18.33 17.52 -8.45
CA ASP A 129 -18.87 16.24 -8.01
C ASP A 129 -19.01 15.25 -9.15
N THR A 130 -19.40 15.73 -10.33
CA THR A 130 -19.71 14.87 -11.45
C THR A 130 -18.48 14.49 -12.27
N GLU A 131 -17.30 14.90 -11.83
CA GLU A 131 -16.06 14.68 -12.56
C GLU A 131 -15.22 13.67 -11.78
N LEU A 132 -14.97 12.51 -12.39
CA LEU A 132 -14.02 11.56 -11.80
C LEU A 132 -12.60 12.06 -12.02
N LYS A 133 -11.78 11.97 -10.98
CA LYS A 133 -10.42 12.49 -11.02
C LYS A 133 -9.58 11.72 -10.01
N VAL A 134 -8.39 11.28 -10.44
CA VAL A 134 -7.48 10.61 -9.53
C VAL A 134 -7.04 11.57 -8.40
N ILE A 135 -6.67 10.97 -7.27
CA ILE A 135 -6.00 11.69 -6.17
C ILE A 135 -4.50 11.39 -6.31
N ASP A 136 -3.69 12.46 -6.42
CA ASP A 136 -2.31 12.28 -6.86
C ASP A 136 -1.47 11.54 -5.83
N THR A 137 -1.82 11.63 -4.55
CA THR A 137 -1.06 10.85 -3.58
C THR A 137 -1.36 9.35 -3.66
N ASN A 138 -2.25 8.92 -4.57
CA ASN A 138 -2.39 7.49 -4.85
C ASN A 138 -1.64 7.07 -6.11
N CYS A 139 -0.63 7.85 -6.53
CA CYS A 139 0.21 7.57 -7.68
C CYS A 139 1.68 7.69 -7.32
N ILE A 140 2.53 7.14 -8.19
CA ILE A 140 3.96 7.45 -8.19
C ILE A 140 4.31 7.90 -9.61
N ASN A 141 5.46 8.58 -9.73
CA ASN A 141 6.03 8.92 -11.03
C ASN A 141 7.08 7.89 -11.40
N VAL A 142 6.93 7.28 -12.57
CA VAL A 142 7.73 6.15 -13.00
C VAL A 142 8.66 6.64 -14.11
N ILE A 143 9.94 6.66 -13.84
CA ILE A 143 10.90 7.20 -14.80
C ILE A 143 11.20 6.13 -15.84
N GLN A 144 11.29 6.55 -17.09
CA GLN A 144 11.40 5.71 -18.28
C GLN A 144 12.83 5.68 -18.79
N PRO A 145 13.21 4.66 -19.55
CA PRO A 145 14.56 4.65 -20.15
C PRO A 145 14.82 5.84 -21.06
N ASP A 146 13.78 6.43 -21.67
CA ASP A 146 13.99 7.61 -22.50
C ASP A 146 13.99 8.90 -21.69
N GLY A 147 13.96 8.81 -20.36
CA GLY A 147 14.06 9.98 -19.51
C GLY A 147 12.73 10.61 -19.16
N SER A 148 11.68 10.29 -19.91
CA SER A 148 10.35 10.79 -19.57
C SER A 148 9.85 10.09 -18.31
N TYR A 149 8.79 10.63 -17.72
CA TYR A 149 8.20 10.00 -16.55
C TYR A 149 6.69 9.96 -16.73
N ARG A 150 6.08 8.97 -16.12
CA ARG A 150 4.67 8.66 -16.32
C ARG A 150 4.06 8.49 -14.94
N SER A 151 2.94 9.17 -14.70
CA SER A 151 2.23 9.00 -13.44
C SER A 151 1.48 7.67 -13.46
N GLU A 152 1.62 6.89 -12.39
CA GLU A 152 0.99 5.58 -12.36
C GLU A 152 0.29 5.36 -11.02
N GLU A 153 -0.99 4.99 -11.08
CA GLU A 153 -1.70 4.55 -9.89
C GLU A 153 -1.14 3.23 -9.38
N LEU A 154 -1.21 3.05 -8.06
CA LEU A 154 -0.80 1.81 -7.43
C LEU A 154 -1.52 1.70 -6.09
N ASN A 155 -1.72 0.46 -5.67
CA ASN A 155 -2.38 0.20 -4.39
C ASN A 155 -1.42 0.03 -3.23
N LEU A 156 -0.24 -0.53 -3.49
CA LEU A 156 0.59 -1.05 -2.42
C LEU A 156 2.06 -0.83 -2.74
N VAL A 157 2.79 -0.28 -1.77
CA VAL A 157 4.24 -0.20 -1.82
C VAL A 157 4.80 -0.91 -0.59
N ILE A 158 5.74 -1.83 -0.80
CA ILE A 158 6.54 -2.38 0.30
C ILE A 158 7.87 -1.64 0.30
N ILE A 159 8.16 -0.97 1.42
CA ILE A 159 9.41 -0.16 1.53
C ILE A 159 10.19 -0.67 2.73
N GLY A 160 11.50 -0.38 2.79
CA GLY A 160 12.29 -0.74 3.97
C GLY A 160 11.95 0.13 5.15
N PRO A 161 12.23 -0.28 6.39
CA PRO A 161 11.82 0.49 7.58
C PRO A 161 12.59 1.80 7.77
N SER A 162 12.08 2.69 8.61
CA SER A 162 12.75 3.99 8.88
C SER A 162 13.84 3.80 9.95
N ALA A 163 14.13 4.82 10.76
CA ALA A 163 15.25 4.71 11.72
C ALA A 163 15.01 3.52 12.65
N ASP A 164 13.80 3.35 13.17
CA ASP A 164 13.53 2.12 13.96
C ASP A 164 13.35 0.97 12.98
N ILE A 165 14.27 0.01 12.95
CA ILE A 165 14.19 -1.04 11.96
C ILE A 165 12.99 -1.95 12.17
N ILE A 166 12.54 -2.12 13.41
CA ILE A 166 11.49 -3.09 13.67
C ILE A 166 10.12 -2.43 13.77
N GLN A 167 10.02 -1.13 13.49
CA GLN A 167 8.72 -0.46 13.45
C GLN A 167 8.07 -0.70 12.09
N PHE A 168 7.45 -1.89 11.95
CA PHE A 168 6.73 -2.25 10.74
C PHE A 168 5.35 -1.65 10.81
N GLU A 169 4.90 -1.04 9.72
CA GLU A 169 3.61 -0.39 9.78
C GLU A 169 3.11 -0.08 8.38
N CYS A 170 1.82 0.20 8.32
CA CYS A 170 1.11 0.41 7.07
C CYS A 170 0.54 1.81 7.12
N LYS A 171 1.09 2.71 6.30
CA LYS A 171 0.70 4.12 6.29
C LYS A 171 0.26 4.55 4.90
N SER A 172 -0.33 5.75 4.85
CA SER A 172 -0.86 6.28 3.59
C SER A 172 -1.10 7.76 3.73
N PHE A 173 -0.96 8.46 2.61
CA PHE A 173 -1.10 9.91 2.60
C PHE A 173 -2.55 10.34 2.77
N GLY A 174 -2.74 11.37 3.60
CA GLY A 174 -4.05 11.92 3.85
C GLY A 174 -4.45 12.99 2.83
N HIS A 175 -5.68 13.47 3.00
CA HIS A 175 -6.32 14.34 2.04
C HIS A 175 -7.01 15.48 2.76
N GLU A 176 -7.15 16.62 2.07
CA GLU A 176 -7.60 17.86 2.73
C GLU A 176 -8.96 17.72 3.37
N VAL A 177 -9.87 16.95 2.76
CA VAL A 177 -11.24 16.87 3.27
C VAL A 177 -11.71 15.43 3.39
N LEU A 178 -10.99 14.49 2.80
CA LEU A 178 -11.38 13.10 2.78
C LEU A 178 -10.48 12.29 3.73
N ASN A 179 -11.10 11.46 4.58
CA ASN A 179 -10.36 10.46 5.34
C ASN A 179 -10.46 9.17 4.53
N LEU A 180 -9.49 8.99 3.62
CA LEU A 180 -9.62 7.96 2.59
C LEU A 180 -9.66 6.55 3.16
N THR A 181 -9.08 6.30 4.33
CA THR A 181 -9.06 4.94 4.87
C THR A 181 -10.32 4.59 5.63
N ARG A 182 -11.25 5.52 5.75
CA ARG A 182 -12.47 5.29 6.53
C ARG A 182 -13.72 5.85 5.86
N ASN A 183 -13.65 6.30 4.61
CA ASN A 183 -14.85 6.73 3.89
C ASN A 183 -15.16 5.82 2.70
N GLY A 184 -14.55 4.64 2.65
CA GLY A 184 -14.76 3.71 1.58
C GLY A 184 -13.91 3.93 0.35
N TYR A 185 -13.22 5.07 0.25
CA TYR A 185 -12.46 5.37 -0.96
C TYR A 185 -11.21 4.52 -1.07
N GLY A 186 -10.44 4.42 0.02
CA GLY A 186 -9.12 3.82 -0.04
C GLY A 186 -8.05 4.81 -0.51
N SER A 187 -6.80 4.41 -0.32
CA SER A 187 -5.64 5.22 -0.67
C SER A 187 -4.45 4.29 -0.80
N THR A 188 -3.42 4.76 -1.47
CA THR A 188 -2.24 3.91 -1.66
C THR A 188 -1.59 3.62 -0.31
N GLN A 189 -1.26 2.36 -0.06
CA GLN A 189 -0.71 1.96 1.23
C GLN A 189 0.79 1.71 1.12
N TYR A 190 1.55 2.31 2.03
CA TYR A 190 2.98 2.10 2.16
C TYR A 190 3.24 1.28 3.41
N ILE A 191 3.86 0.11 3.23
CA ILE A 191 4.16 -0.79 4.32
C ILE A 191 5.65 -0.77 4.55
N ARG A 192 6.08 -0.16 5.66
CA ARG A 192 7.44 -0.36 6.13
C ARG A 192 7.56 -1.79 6.64
N PHE A 193 8.50 -2.54 6.09
CA PHE A 193 8.62 -3.96 6.41
C PHE A 193 10.01 -4.42 6.02
N SER A 194 10.51 -5.45 6.73
CA SER A 194 11.77 -6.06 6.33
C SER A 194 11.65 -7.58 6.46
N PRO A 195 12.07 -8.34 5.44
CA PRO A 195 12.10 -9.80 5.55
C PRO A 195 13.40 -10.32 6.13
N ASP A 196 14.30 -9.41 6.49
CA ASP A 196 15.65 -9.74 6.93
C ASP A 196 15.74 -9.94 8.43
N PHE A 197 14.66 -9.68 9.18
CA PHE A 197 14.61 -9.82 10.63
C PHE A 197 13.31 -10.51 11.00
N THR A 198 13.27 -11.10 12.19
CA THR A 198 11.99 -11.49 12.77
C THR A 198 12.09 -11.42 14.29
N PHE A 199 10.96 -11.74 14.93
CA PHE A 199 10.79 -11.48 16.36
C PHE A 199 10.69 -12.80 17.13
N GLY A 200 11.30 -12.82 18.31
CA GLY A 200 11.20 -13.98 19.17
C GLY A 200 9.96 -13.89 20.04
N PHE A 201 9.29 -15.02 20.20
CA PHE A 201 8.12 -15.12 21.07
C PHE A 201 8.22 -16.42 21.85
N GLU A 202 7.25 -16.67 22.71
CA GLU A 202 7.32 -17.80 23.65
C GLU A 202 6.10 -18.69 23.51
N GLU A 203 6.34 -20.00 23.49
CA GLU A 203 5.23 -20.93 23.28
C GLU A 203 4.30 -20.97 24.47
N SER A 204 4.81 -20.71 25.68
CA SER A 204 3.98 -20.67 26.87
C SER A 204 3.22 -19.36 26.92
N LEU A 205 1.89 -19.44 27.02
CA LEU A 205 1.09 -18.24 27.06
C LEU A 205 1.42 -17.37 28.27
N GLU A 206 1.62 -18.01 29.43
CA GLU A 206 2.01 -17.25 30.62
C GLU A 206 3.24 -16.39 30.34
N VAL A 207 4.25 -16.99 29.70
CA VAL A 207 5.49 -16.27 29.43
C VAL A 207 5.29 -15.27 28.30
N ASP A 208 4.58 -15.68 27.24
CA ASP A 208 4.44 -14.81 26.09
C ASP A 208 3.70 -13.53 26.43
N THR A 209 2.77 -13.60 27.39
CA THR A 209 2.01 -12.43 27.82
C THR A 209 2.56 -11.78 29.08
N ASN A 210 3.77 -12.18 29.52
CA ASN A 210 4.55 -11.51 30.55
C ASN A 210 5.63 -10.67 29.89
N PRO A 211 5.85 -9.44 30.36
CA PRO A 211 6.78 -8.54 29.66
C PRO A 211 8.25 -8.84 29.91
N LEU A 212 8.59 -9.66 30.89
CA LEU A 212 10.00 -9.88 31.21
C LEU A 212 10.46 -11.34 31.21
N LEU A 213 9.55 -12.32 31.22
CA LEU A 213 9.97 -13.72 31.21
C LEU A 213 10.40 -14.15 29.82
N GLY A 214 11.41 -15.00 29.76
CA GLY A 214 11.85 -15.60 28.52
C GLY A 214 12.65 -14.64 27.66
N ALA A 215 13.33 -15.21 26.66
CA ALA A 215 14.21 -14.45 25.77
C ALA A 215 13.86 -14.63 24.30
N GLY A 216 12.76 -15.31 23.99
CA GLY A 216 12.28 -15.40 22.62
C GLY A 216 12.79 -16.65 21.93
N LYS A 217 12.45 -17.80 22.49
CA LYS A 217 12.96 -19.05 21.96
C LYS A 217 12.48 -19.33 20.54
N PHE A 218 11.26 -18.94 20.18
CA PHE A 218 10.70 -19.25 18.87
C PHE A 218 10.63 -18.00 18.00
N ALA A 219 10.81 -18.21 16.70
CA ALA A 219 10.89 -17.10 15.75
C ALA A 219 9.58 -17.00 15.00
N THR A 220 9.03 -15.79 14.94
CA THR A 220 7.81 -15.56 14.18
C THR A 220 8.09 -15.80 12.70
N ASP A 221 7.15 -16.45 12.01
CA ASP A 221 7.32 -16.60 10.56
C ASP A 221 7.07 -15.24 9.93
N PRO A 222 8.04 -14.66 9.23
CA PRO A 222 7.83 -13.30 8.66
C PRO A 222 6.69 -13.24 7.65
N ALA A 223 6.27 -14.38 7.09
CA ALA A 223 5.08 -14.37 6.24
C ALA A 223 3.84 -13.95 7.02
N VAL A 224 3.75 -14.35 8.29
CA VAL A 224 2.63 -13.92 9.12
C VAL A 224 2.70 -12.41 9.38
N THR A 225 3.91 -11.91 9.66
CA THR A 225 4.09 -10.48 9.91
C THR A 225 3.67 -9.67 8.69
N LEU A 226 4.18 -10.03 7.53
CA LEU A 226 3.76 -9.36 6.29
C LEU A 226 2.25 -9.45 6.09
N ALA A 227 1.69 -10.66 6.22
CA ALA A 227 0.25 -10.82 6.05
C ALA A 227 -0.51 -9.91 7.00
N HIS A 228 -0.02 -9.76 8.23
CA HIS A 228 -0.61 -8.84 9.19
C HIS A 228 -0.73 -7.43 8.60
N GLU A 229 0.39 -6.90 8.09
CA GLU A 229 0.37 -5.57 7.48
C GLU A 229 -0.51 -5.56 6.23
N LEU A 230 -0.53 -6.65 5.47
CA LEU A 230 -1.38 -6.69 4.29
C LEU A 230 -2.85 -6.66 4.69
N ILE A 231 -3.17 -7.17 5.87
CA ILE A 231 -4.56 -7.12 6.33
C ILE A 231 -4.97 -5.68 6.65
N HIS A 232 -4.06 -4.91 7.27
CA HIS A 232 -4.33 -3.48 7.44
C HIS A 232 -4.54 -2.80 6.10
N ALA A 233 -3.66 -3.08 5.14
CA ALA A 233 -3.79 -2.45 3.83
C ALA A 233 -5.13 -2.79 3.20
N GLY A 234 -5.59 -4.03 3.35
CA GLY A 234 -6.91 -4.40 2.86
C GLY A 234 -8.02 -3.55 3.46
N HIS A 235 -8.01 -3.38 4.78
CA HIS A 235 -9.00 -2.50 5.41
C HIS A 235 -8.89 -1.09 4.84
N ARG A 236 -7.67 -0.64 4.61
CA ARG A 236 -7.47 0.77 4.29
C ARG A 236 -7.75 1.04 2.81
N LEU A 237 -7.45 0.06 1.94
CA LEU A 237 -7.74 0.19 0.53
C LEU A 237 -9.24 0.20 0.26
N TYR A 238 -10.04 -0.48 1.07
CA TYR A 238 -11.48 -0.42 0.93
C TYR A 238 -12.08 0.65 1.81
N GLY A 239 -11.24 1.46 2.46
CA GLY A 239 -11.73 2.56 3.25
C GLY A 239 -12.57 2.14 4.41
N ILE A 240 -12.30 0.98 5.01
CA ILE A 240 -13.08 0.50 6.14
C ILE A 240 -12.23 0.34 7.40
N ALA A 241 -11.11 1.04 7.49
CA ALA A 241 -10.29 0.98 8.70
C ALA A 241 -11.06 1.57 9.88
N ILE A 242 -10.83 0.99 11.06
CA ILE A 242 -11.41 1.54 12.29
C ILE A 242 -10.58 2.74 12.73
N ASN A 243 -11.26 3.81 13.07
CA ASN A 243 -10.62 5.03 13.53
C ASN A 243 -9.61 4.70 14.64
N PRO A 244 -8.37 5.20 14.54
CA PRO A 244 -7.36 4.87 15.57
C PRO A 244 -7.64 5.50 16.94
N ASN A 245 -8.65 6.35 17.09
CA ASN A 245 -9.03 6.84 18.42
C ASN A 245 -9.99 5.90 19.14
N ARG A 246 -10.35 4.77 18.53
CA ARG A 246 -11.09 3.71 19.18
C ARG A 246 -10.06 2.70 19.71
N VAL A 247 -9.79 2.74 21.00
CA VAL A 247 -8.75 1.92 21.59
C VAL A 247 -9.27 1.36 22.90
N PHE A 248 -8.57 0.37 23.43
CA PHE A 248 -8.89 -0.16 24.75
C PHE A 248 -7.60 -0.32 25.55
N LYS A 249 -7.64 0.07 26.82
CA LYS A 249 -6.43 0.05 27.62
C LYS A 249 -6.06 -1.40 27.97
N VAL A 250 -4.77 -1.71 27.84
CA VAL A 250 -4.25 -3.00 28.28
C VAL A 250 -4.31 -3.05 29.81
N ASN A 251 -5.24 -3.83 30.35
CA ASN A 251 -5.47 -3.92 31.79
C ASN A 251 -4.74 -5.13 32.39
N THR A 252 -3.45 -5.27 32.06
CA THR A 252 -2.63 -6.33 32.65
C THR A 252 -1.15 -6.08 32.39
N TYR A 256 1.97 -4.14 32.85
CA TYR A 256 1.25 -3.46 33.91
C TYR A 256 0.17 -2.54 33.33
N GLU A 257 -0.26 -1.57 34.13
CA GLU A 257 -1.30 -0.64 33.70
C GLU A 257 -0.84 0.81 33.71
N MET A 258 -0.13 1.25 34.74
CA MET A 258 0.26 2.67 34.82
C MET A 258 1.17 3.09 33.67
N SER A 259 1.73 2.13 32.93
CA SER A 259 2.38 2.45 31.67
C SER A 259 1.41 3.18 30.73
N GLY A 260 0.11 2.93 30.89
CA GLY A 260 -0.87 3.54 30.02
C GLY A 260 -0.94 2.95 28.62
N LEU A 261 -0.51 1.71 28.45
CA LEU A 261 -0.48 1.11 27.12
C LEU A 261 -1.90 0.87 26.59
N GLU A 262 -2.08 1.09 25.29
CA GLU A 262 -3.37 0.91 24.65
C GLU A 262 -3.17 0.21 23.32
N VAL A 263 -4.17 -0.56 22.91
CA VAL A 263 -4.20 -1.13 21.57
C VAL A 263 -5.50 -0.70 20.90
N SER A 264 -5.42 -0.40 19.60
CA SER A 264 -6.58 0.02 18.83
C SER A 264 -7.49 -1.16 18.49
N PHE A 265 -8.78 -0.86 18.31
CA PHE A 265 -9.69 -1.86 17.78
C PHE A 265 -9.21 -2.38 16.44
N GLU A 266 -8.65 -1.48 15.60
CA GLU A 266 -8.14 -1.90 14.30
C GLU A 266 -7.12 -3.01 14.46
N GLU A 267 -6.26 -2.91 15.47
CA GLU A 267 -5.28 -3.97 15.73
C GLU A 267 -5.96 -5.23 16.22
N LEU A 268 -6.89 -5.12 17.17
CA LEU A 268 -7.57 -6.32 17.68
C LEU A 268 -8.27 -7.04 16.55
N ARG A 269 -9.04 -6.32 15.76
CA ARG A 269 -9.68 -6.91 14.59
C ARG A 269 -8.66 -7.60 13.69
N THR A 270 -7.56 -6.90 13.37
CA THR A 270 -6.56 -7.46 12.48
C THR A 270 -5.97 -8.76 13.04
N PHE A 271 -5.76 -8.83 14.36
CA PHE A 271 -5.20 -10.07 14.88
C PHE A 271 -6.21 -11.20 14.83
N GLY A 272 -7.47 -10.94 15.19
CA GLY A 272 -8.49 -11.97 15.12
C GLY A 272 -8.56 -12.80 16.40
N GLY A 273 -8.96 -14.05 16.22
CA GLY A 273 -9.09 -15.03 17.30
C GLY A 273 -9.96 -14.52 18.43
N HIS A 274 -9.68 -15.01 19.65
CA HIS A 274 -10.41 -14.54 20.82
C HIS A 274 -10.28 -13.02 21.00
N ASP A 275 -9.13 -12.45 20.60
CA ASP A 275 -8.94 -11.01 20.66
C ASP A 275 -10.11 -10.25 20.06
N ALA A 276 -10.52 -10.62 18.85
CA ALA A 276 -11.47 -9.84 18.08
C ALA A 276 -12.89 -9.89 18.65
N LYS A 277 -13.13 -10.70 19.66
CA LYS A 277 -14.43 -10.71 20.31
C LYS A 277 -14.53 -9.68 21.44
N PHE A 278 -13.43 -9.00 21.75
CA PHE A 278 -13.51 -7.86 22.67
C PHE A 278 -14.27 -6.69 22.03
N ILE A 279 -14.24 -6.58 20.71
CA ILE A 279 -15.09 -5.61 20.03
C ILE A 279 -16.54 -6.06 20.18
N ASP A 280 -17.38 -5.14 20.67
CA ASP A 280 -18.75 -5.47 21.02
C ASP A 280 -19.60 -5.72 19.78
N SER A 281 -20.56 -6.64 19.91
CA SER A 281 -21.42 -6.97 18.79
C SER A 281 -22.29 -5.79 18.35
N LEU A 282 -22.63 -4.90 19.28
CA LEU A 282 -23.36 -3.70 18.91
C LEU A 282 -22.50 -2.80 18.01
N GLN A 283 -21.23 -2.60 18.39
CA GLN A 283 -20.34 -1.79 17.56
C GLN A 283 -20.10 -2.45 16.21
N GLU A 284 -19.97 -3.78 16.18
CA GLU A 284 -19.70 -4.48 14.93
C GLU A 284 -20.78 -4.19 13.89
N ASN A 285 -22.05 -4.36 14.26
CA ASN A 285 -23.14 -4.09 13.32
C ASN A 285 -23.14 -2.62 12.90
N GLU A 286 -22.80 -1.72 13.81
CA GLU A 286 -22.81 -0.30 13.47
C GLU A 286 -21.74 0.02 12.43
N PHE A 287 -20.53 -0.51 12.60
CA PHE A 287 -19.48 -0.26 11.60
C PHE A 287 -19.92 -0.77 10.24
N ARG A 288 -20.54 -1.94 10.18
CA ARG A 288 -20.97 -2.49 8.90
C ARG A 288 -22.03 -1.60 8.26
N LEU A 289 -22.97 -1.10 9.06
CA LEU A 289 -23.98 -0.18 8.54
C LEU A 289 -23.34 1.08 7.97
N TYR A 290 -22.45 1.70 8.75
CA TYR A 290 -21.74 2.89 8.29
C TYR A 290 -21.09 2.64 6.93
N TYR A 291 -20.37 1.55 6.80
CA TYR A 291 -19.65 1.35 5.55
C TYR A 291 -20.56 0.86 4.44
N TYR A 292 -21.66 0.18 4.77
CA TYR A 292 -22.64 -0.08 3.73
C TYR A 292 -23.12 1.23 3.13
N ASN A 293 -23.33 2.24 3.97
CA ASN A 293 -23.79 3.53 3.48
C ASN A 293 -22.71 4.24 2.68
N LYS A 294 -21.45 4.14 3.11
CA LYS A 294 -20.37 4.74 2.34
C LYS A 294 -20.23 4.07 0.98
N PHE A 295 -20.47 2.75 0.89
CA PHE A 295 -20.45 2.09 -0.42
C PHE A 295 -21.62 2.56 -1.28
N LYS A 296 -22.79 2.75 -0.67
CA LYS A 296 -23.91 3.34 -1.40
C LYS A 296 -23.55 4.72 -1.93
N ASP A 297 -22.88 5.54 -1.11
CA ASP A 297 -22.50 6.87 -1.55
C ASP A 297 -21.60 6.80 -2.77
N ILE A 298 -20.66 5.85 -2.78
CA ILE A 298 -19.75 5.72 -3.91
C ILE A 298 -20.50 5.29 -5.16
N ALA A 299 -21.45 4.36 -5.03
CA ALA A 299 -22.23 3.97 -6.19
C ALA A 299 -23.05 5.14 -6.69
N SER A 300 -23.61 5.94 -5.78
CA SER A 300 -24.33 7.13 -6.19
C SER A 300 -23.43 8.08 -6.97
N THR A 301 -22.24 8.36 -6.42
CA THR A 301 -21.29 9.23 -7.09
C THR A 301 -20.97 8.73 -8.48
N LEU A 302 -20.85 7.42 -8.64
CA LEU A 302 -20.55 6.85 -9.96
C LEU A 302 -21.72 7.02 -10.92
N ASN A 303 -22.95 6.79 -10.44
CA ASN A 303 -24.13 6.99 -11.29
C ASN A 303 -24.25 8.43 -11.77
N LYS A 304 -23.84 9.38 -10.94
CA LYS A 304 -23.95 10.79 -11.31
C LYS A 304 -22.72 11.31 -12.04
N ALA A 305 -21.70 10.48 -12.25
CA ALA A 305 -20.50 10.91 -12.93
C ALA A 305 -20.77 11.20 -14.41
N LYS A 306 -20.38 12.38 -14.86
CA LYS A 306 -20.56 12.76 -16.25
C LYS A 306 -19.26 12.88 -17.04
N SER A 307 -18.11 12.97 -16.38
CA SER A 307 -16.86 13.18 -17.10
C SER A 307 -15.69 12.62 -16.31
N ILE A 308 -14.53 12.59 -16.97
CA ILE A 308 -13.28 12.11 -16.38
C ILE A 308 -12.14 12.95 -16.93
N VAL A 309 -11.14 13.21 -16.09
CA VAL A 309 -10.01 14.03 -16.50
C VAL A 309 -8.71 13.33 -16.14
N GLY A 310 -7.64 13.72 -16.83
CA GLY A 310 -6.32 13.21 -16.50
C GLY A 310 -6.06 11.79 -16.94
N THR A 311 -6.76 11.31 -17.97
CA THR A 311 -6.49 9.96 -18.43
C THR A 311 -7.01 9.80 -19.85
N THR A 312 -6.35 8.93 -20.61
CA THR A 312 -6.86 8.50 -21.89
C THR A 312 -7.79 7.30 -21.78
N ALA A 313 -7.99 6.76 -20.58
CA ALA A 313 -8.98 5.70 -20.39
C ALA A 313 -10.39 6.29 -20.38
N SER A 314 -11.35 5.50 -20.87
CA SER A 314 -12.71 5.98 -20.98
C SER A 314 -13.37 6.11 -19.61
N LEU A 315 -14.39 6.97 -19.55
CA LEU A 315 -15.17 7.13 -18.32
C LEU A 315 -15.89 5.84 -17.93
N GLN A 316 -16.46 5.14 -18.91
CA GLN A 316 -17.21 3.94 -18.56
C GLN A 316 -16.29 2.85 -18.01
N TYR A 317 -15.09 2.72 -18.56
CA TYR A 317 -14.13 1.77 -18.02
C TYR A 317 -13.79 2.10 -16.56
N MET A 318 -13.54 3.38 -16.26
CA MET A 318 -13.15 3.75 -14.91
C MET A 318 -14.31 3.51 -13.95
N LYS A 319 -15.54 3.77 -14.40
CA LYS A 319 -16.72 3.39 -13.64
C LYS A 319 -16.76 1.88 -13.42
N ASN A 320 -16.45 1.10 -14.46
CA ASN A 320 -16.46 -0.35 -14.32
C ASN A 320 -15.34 -0.84 -13.40
N VAL A 321 -14.18 -0.17 -13.41
CA VAL A 321 -13.13 -0.52 -12.45
C VAL A 321 -13.71 -0.56 -11.04
N PHE A 322 -14.52 0.44 -10.69
CA PHE A 322 -14.98 0.50 -9.31
C PHE A 322 -16.19 -0.39 -9.08
N LYS A 323 -16.95 -0.69 -10.14
CA LYS A 323 -17.90 -1.81 -10.04
C LYS A 323 -17.17 -3.12 -9.72
N GLU A 324 -15.98 -3.33 -10.28
CA GLU A 324 -15.22 -4.55 -9.96
C GLU A 324 -14.70 -4.52 -8.53
N LYS A 325 -14.32 -3.34 -8.04
CA LYS A 325 -13.74 -3.25 -6.70
C LYS A 325 -14.78 -3.50 -5.62
N TYR A 326 -15.90 -2.77 -5.66
CA TYR A 326 -16.91 -2.85 -4.63
C TYR A 326 -17.97 -3.90 -4.93
N LEU A 327 -17.81 -4.66 -6.01
CA LEU A 327 -18.75 -5.73 -6.38
C LEU A 327 -20.17 -5.17 -6.55
N LEU A 328 -20.26 -4.02 -7.21
CA LEU A 328 -21.56 -3.38 -7.40
C LEU A 328 -22.40 -4.14 -8.42
N SER A 329 -23.72 -4.07 -8.24
CA SER A 329 -24.68 -4.53 -9.25
C SER A 329 -24.93 -3.41 -10.25
N GLU A 330 -25.30 -3.81 -11.47
CA GLU A 330 -25.67 -2.89 -12.53
C GLU A 330 -26.97 -3.37 -13.14
N ASP A 331 -27.93 -2.46 -13.31
CA ASP A 331 -29.21 -2.79 -13.92
C ASP A 331 -29.16 -2.54 -15.41
N THR A 332 -30.30 -2.76 -16.09
CA THR A 332 -30.30 -2.59 -17.54
C THR A 332 -30.19 -1.14 -17.97
N SER A 333 -30.34 -0.18 -17.06
CA SER A 333 -30.07 1.22 -17.37
C SER A 333 -28.61 1.60 -17.16
N GLY A 334 -27.76 0.67 -16.74
CA GLY A 334 -26.38 0.99 -16.45
C GLY A 334 -26.13 1.56 -15.07
N LYS A 335 -27.15 1.59 -14.21
CA LYS A 335 -27.03 2.19 -12.89
C LYS A 335 -26.43 1.19 -11.90
N PHE A 336 -25.54 1.68 -11.05
CA PHE A 336 -24.87 0.86 -10.04
C PHE A 336 -25.65 0.88 -8.72
N SER A 337 -25.59 -0.25 -8.01
CA SER A 337 -26.17 -0.34 -6.68
C SER A 337 -25.36 -1.34 -5.86
N VAL A 338 -25.49 -1.25 -4.54
CA VAL A 338 -24.82 -2.16 -3.64
C VAL A 338 -25.76 -3.31 -3.32
N ASP A 339 -25.28 -4.53 -3.55
CA ASP A 339 -26.01 -5.72 -3.18
C ASP A 339 -25.64 -6.07 -1.74
N LYS A 340 -26.63 -6.11 -0.85
CA LYS A 340 -26.35 -6.28 0.58
C LYS A 340 -25.71 -7.64 0.87
N LEU A 341 -26.08 -8.70 0.13
CA LEU A 341 -25.47 -10.01 0.36
C LEU A 341 -23.99 -10.00 0.03
N LYS A 342 -23.64 -9.41 -1.13
CA LYS A 342 -22.23 -9.35 -1.52
C LYS A 342 -21.44 -8.41 -0.62
N PHE A 343 -22.06 -7.31 -0.18
CA PHE A 343 -21.35 -6.40 0.71
C PHE A 343 -21.08 -7.06 2.05
N ASP A 344 -22.09 -7.73 2.61
CA ASP A 344 -21.91 -8.44 3.87
C ASP A 344 -20.76 -9.44 3.78
N LYS A 345 -20.73 -10.23 2.70
CA LYS A 345 -19.66 -11.21 2.53
C LYS A 345 -18.33 -10.52 2.34
N LEU A 346 -18.30 -9.47 1.50
CA LEU A 346 -17.06 -8.73 1.29
C LEU A 346 -16.57 -8.14 2.60
N TYR A 347 -17.47 -7.53 3.36
CA TYR A 347 -17.07 -6.89 4.61
C TYR A 347 -16.59 -7.94 5.63
N LYS A 348 -17.38 -9.01 5.82
CA LYS A 348 -16.97 -10.05 6.76
C LYS A 348 -15.63 -10.68 6.36
N MET A 349 -15.40 -10.85 5.06
CA MET A 349 -14.14 -11.41 4.60
C MET A 349 -12.98 -10.48 4.95
N LEU A 350 -13.14 -9.18 4.66
CA LEU A 350 -12.06 -8.24 4.88
C LEU A 350 -11.71 -8.12 6.36
N THR A 351 -12.68 -8.33 7.25
CA THR A 351 -12.48 -7.98 8.65
C THR A 351 -12.39 -9.19 9.58
N GLU A 352 -13.08 -10.27 9.25
CA GLU A 352 -13.10 -11.44 10.10
C GLU A 352 -12.35 -12.62 9.51
N ILE A 353 -12.31 -12.72 8.18
CA ILE A 353 -11.61 -13.84 7.54
C ILE A 353 -10.13 -13.56 7.43
N TYR A 354 -9.78 -12.36 6.94
CA TYR A 354 -8.38 -11.93 6.80
C TYR A 354 -7.89 -11.49 8.18
N THR A 355 -7.31 -12.43 8.93
CA THR A 355 -6.74 -12.13 10.23
C THR A 355 -5.42 -12.85 10.43
N GLU A 356 -4.57 -12.27 11.28
CA GLU A 356 -3.32 -12.92 11.62
C GLU A 356 -3.58 -14.33 12.10
N ASP A 357 -4.57 -14.49 12.99
CA ASP A 357 -4.83 -15.81 13.53
C ASP A 357 -5.22 -16.81 12.43
N ASN A 358 -5.98 -16.36 11.44
CA ASN A 358 -6.34 -17.29 10.36
C ASN A 358 -5.16 -17.61 9.46
N PHE A 359 -4.25 -16.64 9.24
CA PHE A 359 -3.04 -16.97 8.49
C PHE A 359 -2.17 -17.99 9.23
N VAL A 360 -2.14 -17.94 10.56
CA VAL A 360 -1.41 -18.96 11.33
C VAL A 360 -2.02 -20.34 11.09
N LYS A 361 -3.35 -20.43 11.06
CA LYS A 361 -3.99 -21.72 10.77
C LYS A 361 -3.65 -22.21 9.36
N PHE A 362 -3.63 -21.31 8.37
CA PHE A 362 -3.32 -21.76 7.01
C PHE A 362 -1.86 -22.09 6.83
N PHE A 363 -0.97 -21.33 7.48
CA PHE A 363 0.46 -21.63 7.37
C PHE A 363 0.86 -22.82 8.22
N LYS A 364 0.10 -23.14 9.25
CA LYS A 364 0.45 -24.21 10.17
C LYS A 364 1.80 -23.92 10.83
N VAL A 365 1.95 -22.69 11.33
CA VAL A 365 3.15 -22.31 12.04
C VAL A 365 2.80 -22.03 13.50
N LEU A 366 3.83 -21.99 14.32
CA LEU A 366 3.66 -21.53 15.69
C LEU A 366 3.71 -20.00 15.71
N ASN A 367 2.93 -19.40 16.59
CA ASN A 367 2.69 -17.96 16.57
C ASN A 367 2.19 -17.55 17.94
N ARG A 368 2.43 -16.30 18.31
CA ARG A 368 1.76 -15.74 19.47
C ARG A 368 0.27 -16.05 19.38
N LYS A 369 -0.34 -16.38 20.51
CA LYS A 369 -1.76 -16.70 20.51
C LYS A 369 -2.64 -15.47 20.72
N THR A 370 -2.04 -14.34 21.08
CA THR A 370 -2.79 -13.12 21.27
C THR A 370 -1.93 -11.93 20.82
N TYR A 371 -2.62 -10.85 20.43
CA TYR A 371 -1.98 -9.58 20.14
C TYR A 371 -1.42 -8.94 21.39
N LEU A 372 -1.99 -9.28 22.54
CA LEU A 372 -1.53 -8.71 23.81
C LEU A 372 -0.34 -9.45 24.39
N ASN A 373 0.63 -9.81 23.56
CA ASN A 373 1.88 -10.41 23.99
C ASN A 373 2.97 -9.34 24.05
N PHE A 374 4.20 -9.77 24.37
CA PHE A 374 5.33 -8.87 24.53
C PHE A 374 6.52 -9.41 23.76
N ASP A 375 7.09 -8.59 22.88
CA ASP A 375 8.23 -9.00 22.08
C ASP A 375 9.42 -9.32 22.99
N LYS A 376 10.19 -10.33 22.62
CA LYS A 376 11.31 -10.75 23.46
C LYS A 376 12.67 -10.46 22.86
N ALA A 377 12.80 -10.55 21.53
CA ALA A 377 14.09 -10.40 20.87
C ALA A 377 13.86 -10.14 19.38
N VAL A 378 14.87 -9.58 18.73
CA VAL A 378 14.90 -9.52 17.27
C VAL A 378 16.10 -10.34 16.78
N PHE A 379 15.85 -11.13 15.73
CA PHE A 379 16.86 -11.98 15.12
C PHE A 379 17.12 -11.52 13.69
N LYS A 380 18.37 -11.65 13.26
CA LYS A 380 18.67 -11.60 11.84
C LYS A 380 18.34 -12.96 11.23
N ILE A 381 17.77 -12.94 10.04
CA ILE A 381 17.42 -14.16 9.33
C ILE A 381 17.82 -14.01 7.88
N ASN A 382 17.74 -15.12 7.15
CA ASN A 382 17.96 -15.06 5.70
C ASN A 382 17.09 -16.14 5.05
N ILE A 383 15.89 -15.73 4.63
CA ILE A 383 14.93 -16.68 4.10
C ILE A 383 15.12 -16.95 2.62
N VAL A 384 16.07 -16.31 1.97
CA VAL A 384 16.14 -16.39 0.51
C VAL A 384 16.67 -17.75 0.06
N PRO A 385 17.70 -18.31 0.70
CA PRO A 385 18.14 -19.66 0.32
C PRO A 385 17.04 -20.68 0.55
N LYS A 386 16.83 -21.57 -0.43
CA LYS A 386 15.79 -22.58 -0.29
C LYS A 386 16.09 -23.59 0.82
N VAL A 387 17.37 -23.80 1.17
CA VAL A 387 17.67 -24.71 2.27
C VAL A 387 17.32 -24.12 3.63
N ASN A 388 17.01 -22.83 3.69
CA ASN A 388 16.67 -22.15 4.94
C ASN A 388 15.17 -21.98 5.14
N TYR A 389 14.43 -21.69 4.07
CA TYR A 389 13.04 -21.28 4.18
C TYR A 389 12.37 -21.48 2.83
N THR A 390 11.15 -22.02 2.82
CA THR A 390 10.48 -22.25 1.55
C THR A 390 9.09 -21.63 1.50
N ILE A 391 8.59 -21.49 0.27
CA ILE A 391 7.26 -20.95 0.05
C ILE A 391 6.21 -21.79 0.77
N TYR A 392 6.30 -23.12 0.65
CA TYR A 392 5.29 -23.99 1.24
C TYR A 392 5.51 -24.26 2.74
N ASP A 393 6.75 -24.24 3.23
CA ASP A 393 7.00 -24.66 4.61
C ASP A 393 7.51 -23.57 5.53
N GLY A 394 7.93 -22.41 5.02
CA GLY A 394 8.59 -21.45 5.90
C GLY A 394 9.89 -22.08 6.40
N PHE A 395 10.14 -21.96 7.71
CA PHE A 395 11.31 -22.57 8.33
C PHE A 395 11.16 -24.06 8.58
N ASN A 396 9.92 -24.57 8.63
CA ASN A 396 9.67 -25.94 9.08
C ASN A 396 9.70 -26.92 7.89
N LEU A 397 10.89 -27.05 7.29
CA LEU A 397 11.02 -27.82 6.05
C LEU A 397 10.56 -29.25 6.26
N ARG A 398 9.53 -29.66 5.49
CA ARG A 398 8.91 -30.97 5.72
C ARG A 398 9.84 -32.12 5.36
N ASN A 399 10.86 -31.90 4.55
CA ASN A 399 11.77 -32.97 4.13
C ASN A 399 12.99 -33.10 5.03
N THR A 400 12.98 -32.50 6.22
CA THR A 400 14.13 -32.49 7.13
C THR A 400 13.65 -32.75 8.54
N ASN A 401 14.60 -32.82 9.48
CA ASN A 401 14.22 -32.96 10.88
C ASN A 401 13.57 -31.70 11.43
N LEU A 402 13.51 -30.62 10.66
CA LEU A 402 12.80 -29.42 11.10
C LEU A 402 11.31 -29.49 10.86
N ALA A 403 10.81 -30.65 10.41
CA ALA A 403 9.42 -30.75 10.00
C ALA A 403 8.46 -30.77 11.18
N ALA A 404 8.87 -31.34 12.31
CA ALA A 404 8.00 -31.58 13.44
C ALA A 404 8.26 -30.58 14.56
N ASN A 405 7.23 -30.44 15.41
CA ASN A 405 7.29 -29.64 16.64
C ASN A 405 7.77 -28.21 16.37
N PHE A 406 7.48 -27.71 15.17
CA PHE A 406 7.91 -26.37 14.73
C PHE A 406 9.41 -26.16 14.96
N ASN A 407 10.18 -27.24 14.78
CA ASN A 407 11.62 -27.18 14.99
C ASN A 407 12.29 -26.10 14.15
N GLY A 408 11.74 -25.80 12.96
CA GLY A 408 12.32 -24.74 12.14
C GLY A 408 12.20 -23.37 12.75
N GLN A 409 11.14 -23.12 13.51
CA GLN A 409 11.02 -21.84 14.20
C GLN A 409 11.74 -21.84 15.54
N ASN A 410 12.20 -23.00 16.00
CA ASN A 410 12.89 -23.10 17.27
C ASN A 410 14.30 -22.53 17.08
N THR A 411 14.54 -21.31 17.59
CA THR A 411 15.85 -20.71 17.34
C THR A 411 16.99 -21.42 18.08
N GLU A 412 16.69 -22.36 18.98
CA GLU A 412 17.77 -23.14 19.57
C GLU A 412 18.10 -24.37 18.72
N ILE A 413 17.07 -25.08 18.27
CA ILE A 413 17.30 -26.24 17.42
C ILE A 413 17.79 -25.80 16.05
N ASN A 414 17.14 -24.81 15.46
CA ASN A 414 17.50 -24.35 14.11
C ASN A 414 18.39 -23.11 14.20
N ASN A 415 19.40 -23.18 15.10
CA ASN A 415 20.14 -21.99 15.49
C ASN A 415 20.98 -21.41 14.37
N MET A 416 21.28 -22.19 13.33
CA MET A 416 22.01 -21.64 12.19
C MET A 416 21.19 -20.62 11.41
N ASN A 417 19.88 -20.61 11.59
CA ASN A 417 19.04 -19.71 10.81
C ASN A 417 18.68 -18.43 11.53
N PHE A 418 19.23 -18.20 12.73
CA PHE A 418 18.85 -17.04 13.52
C PHE A 418 20.06 -16.48 14.25
N THR A 419 20.30 -15.18 14.12
CA THR A 419 21.28 -14.50 14.95
C THR A 419 20.57 -13.48 15.81
N LYS A 420 20.59 -13.69 17.12
CA LYS A 420 19.93 -12.73 17.98
C LYS A 420 20.69 -11.41 17.96
N LEU A 421 19.99 -10.32 17.67
CA LEU A 421 20.60 -9.00 17.60
C LEU A 421 20.36 -8.18 18.84
N LYS A 422 19.25 -8.41 19.53
CA LYS A 422 18.91 -7.65 20.73
C LYS A 422 17.86 -8.41 21.51
N ASN A 423 18.09 -8.56 22.82
CA ASN A 423 17.05 -8.93 23.78
C ASN A 423 16.31 -7.66 24.20
N PHE A 424 14.98 -7.72 24.21
CA PHE A 424 14.17 -6.65 24.74
C PHE A 424 13.90 -6.79 26.25
N THR A 425 14.31 -7.90 26.86
CA THR A 425 14.06 -8.12 28.29
C THR A 425 15.37 -7.99 29.09
N GLN B 6 8.80 19.95 18.64
CA GLN B 6 7.40 20.08 19.02
C GLN B 6 6.57 20.80 17.96
N VAL B 7 5.49 20.16 17.52
CA VAL B 7 4.60 20.77 16.54
C VAL B 7 3.65 21.71 17.27
N GLN B 8 3.52 22.94 16.75
CA GLN B 8 2.61 23.92 17.32
C GLN B 8 1.81 24.59 16.20
N LEU B 9 0.51 24.76 16.45
CA LEU B 9 -0.39 25.51 15.56
C LEU B 9 -1.11 26.55 16.40
N ALA B 10 -0.80 27.81 16.16
CA ALA B 10 -1.34 28.92 16.95
C ALA B 10 -2.35 29.67 16.10
N GLU B 11 -3.61 29.63 16.51
CA GLU B 11 -4.69 30.25 15.77
C GLU B 11 -5.18 31.50 16.48
N SER B 12 -5.70 32.44 15.70
CA SER B 12 -6.14 33.73 16.22
C SER B 12 -7.12 34.35 15.22
N GLY B 13 -7.39 35.64 15.39
CA GLY B 13 -8.27 36.33 14.48
C GLY B 13 -9.75 36.14 14.73
N GLY B 14 -10.13 35.48 15.84
CA GLY B 14 -11.52 35.26 16.15
C GLY B 14 -12.05 36.24 17.18
N GLY B 15 -13.37 36.21 17.36
CA GLY B 15 -14.01 37.06 18.35
C GLY B 15 -15.50 37.17 18.09
N LEU B 16 -16.08 38.25 18.59
CA LEU B 16 -17.51 38.50 18.49
C LEU B 16 -17.82 39.29 17.22
N VAL B 17 -18.79 38.80 16.44
CA VAL B 17 -19.09 39.34 15.13
C VAL B 17 -20.60 39.46 14.99
N GLN B 18 -21.02 40.42 14.19
CA GLN B 18 -22.39 40.72 13.84
C GLN B 18 -22.84 39.87 12.66
N PRO B 19 -24.11 39.45 12.64
CA PRO B 19 -24.62 38.76 11.45
C PRO B 19 -24.36 39.59 10.20
N GLY B 20 -23.80 38.94 9.18
CA GLY B 20 -23.36 39.63 7.98
C GLY B 20 -21.94 40.14 8.03
N GLY B 21 -21.30 40.15 9.20
CA GLY B 21 -19.95 40.64 9.33
C GLY B 21 -18.92 39.72 8.72
N SER B 22 -17.66 40.09 8.92
CA SER B 22 -16.52 39.45 8.29
C SER B 22 -15.46 39.13 9.34
N LEU B 23 -14.67 38.09 9.08
CA LEU B 23 -13.62 37.66 9.99
C LEU B 23 -12.50 37.00 9.20
N ARG B 24 -11.27 37.10 9.73
CA ARG B 24 -10.12 36.40 9.16
C ARG B 24 -9.41 35.64 10.28
N LEU B 25 -9.52 34.31 10.24
CA LEU B 25 -8.79 33.45 11.16
C LEU B 25 -7.41 33.13 10.58
N SER B 26 -6.40 33.13 11.45
CA SER B 26 -5.03 32.85 11.06
C SER B 26 -4.46 31.75 11.94
N CYS B 27 -3.51 30.99 11.38
CA CYS B 27 -2.86 29.92 12.11
C CYS B 27 -1.36 29.98 11.84
N ALA B 28 -0.58 30.06 12.91
CA ALA B 28 0.86 30.04 12.84
C ALA B 28 1.34 28.61 13.08
N ALA B 29 2.07 28.06 12.11
CA ALA B 29 2.53 26.68 12.17
C ALA B 29 4.04 26.64 12.39
N SER B 30 4.48 25.79 13.31
CA SER B 30 5.90 25.59 13.53
C SER B 30 6.15 24.14 13.90
N GLY B 31 7.36 23.68 13.62
CA GLY B 31 7.81 22.40 14.10
C GLY B 31 7.66 21.23 13.14
N PHE B 32 7.14 21.46 11.93
CA PHE B 32 6.99 20.39 10.95
C PHE B 32 7.13 20.97 9.54
N THR B 33 7.37 20.08 8.58
CA THR B 33 7.58 20.51 7.19
C THR B 33 6.26 20.93 6.57
N PHE B 34 5.94 22.22 6.70
CA PHE B 34 4.60 22.74 6.46
C PHE B 34 4.09 22.39 5.07
N ASN B 35 4.91 22.61 4.04
CA ASN B 35 4.42 22.47 2.68
C ASN B 35 4.14 21.02 2.29
N ARG B 36 4.31 20.06 3.19
CA ARG B 36 3.95 18.68 2.92
C ARG B 36 2.70 18.24 3.68
N TYR B 37 2.01 19.18 4.31
CA TYR B 37 0.85 18.87 5.15
C TYR B 37 -0.39 19.53 4.60
N VAL B 38 -1.48 18.78 4.63
CA VAL B 38 -2.80 19.31 4.37
C VAL B 38 -3.26 20.11 5.58
N ILE B 39 -4.03 21.18 5.34
CA ILE B 39 -4.49 22.06 6.40
C ILE B 39 -6.02 22.03 6.44
N ARG B 40 -6.58 21.81 7.63
CA ARG B 40 -8.02 21.75 7.82
C ARG B 40 -8.46 22.81 8.82
N TRP B 41 -9.71 23.25 8.68
CA TRP B 41 -10.40 24.09 9.66
C TRP B 41 -11.66 23.37 10.10
N TYR B 42 -11.76 23.09 11.41
CA TYR B 42 -12.94 22.51 12.01
C TYR B 42 -13.66 23.55 12.86
N ARG B 43 -14.84 23.17 13.36
CA ARG B 43 -15.59 23.99 14.31
C ARG B 43 -16.47 23.06 15.13
N GLN B 44 -16.88 23.54 16.30
CA GLN B 44 -17.65 22.70 17.22
C GLN B 44 -18.48 23.61 18.13
N ALA B 45 -19.81 23.52 17.99
CA ALA B 45 -20.70 24.19 18.92
C ALA B 45 -20.75 23.42 20.23
N PRO B 46 -21.15 24.08 21.33
CA PRO B 46 -21.11 23.41 22.64
C PRO B 46 -21.86 22.09 22.68
N GLY B 47 -23.03 22.00 22.07
CA GLY B 47 -23.85 20.81 22.10
C GLY B 47 -23.79 19.92 20.88
N LYS B 48 -22.91 20.21 19.92
CA LYS B 48 -22.83 19.45 18.69
C LYS B 48 -21.41 18.91 18.50
N GLU B 49 -21.32 17.80 17.79
CA GLU B 49 -20.02 17.21 17.49
C GLU B 49 -19.22 18.12 16.56
N ARG B 50 -17.89 17.93 16.58
CA ARG B 50 -17.03 18.73 15.73
C ARG B 50 -17.42 18.56 14.27
N GLU B 51 -17.15 19.58 13.47
CA GLU B 51 -17.49 19.57 12.06
C GLU B 51 -16.33 20.15 11.25
N LEU B 52 -15.97 19.47 10.16
CA LEU B 52 -15.00 20.01 9.21
C LEU B 52 -15.66 21.04 8.32
N VAL B 53 -14.98 22.17 8.10
CA VAL B 53 -15.53 23.28 7.33
C VAL B 53 -14.73 23.53 6.06
N ALA B 54 -13.41 23.36 6.11
CA ALA B 54 -12.59 23.59 4.92
C ALA B 54 -11.29 22.79 5.01
N GLY B 55 -10.75 22.45 3.86
CA GLY B 55 -9.45 21.83 3.74
C GLY B 55 -8.78 22.28 2.46
N ILE B 56 -7.46 22.44 2.52
CA ILE B 56 -6.67 22.88 1.37
C ILE B 56 -5.53 21.90 1.13
N SER B 57 -5.26 21.65 -0.15
CA SER B 57 -4.16 20.79 -0.56
C SER B 57 -2.84 21.30 -0.03
N ARG B 58 -1.82 20.42 -0.04
CA ARG B 58 -0.51 20.77 0.49
C ARG B 58 0.05 22.02 -0.17
N SER B 59 -0.13 22.14 -1.48
CA SER B 59 0.45 23.25 -2.22
C SER B 59 -0.48 24.43 -2.36
N GLY B 60 -1.68 24.37 -1.79
CA GLY B 60 -2.69 25.35 -2.12
C GLY B 60 -3.35 25.12 -3.45
N ASP B 61 -3.00 24.02 -4.12
CA ASP B 61 -3.62 23.65 -5.39
C ASP B 61 -5.13 23.80 -5.36
N SER B 62 -5.78 23.23 -4.36
CA SER B 62 -7.21 23.01 -4.39
C SER B 62 -7.76 23.04 -2.98
N GLY B 63 -9.00 23.49 -2.86
CA GLY B 63 -9.69 23.49 -1.59
C GLY B 63 -11.13 23.07 -1.76
N ARG B 64 -11.69 22.50 -0.70
CA ARG B 64 -13.10 22.15 -0.69
C ARG B 64 -13.73 22.58 0.63
N TYR B 65 -15.05 22.77 0.58
CA TYR B 65 -15.79 23.38 1.67
C TYR B 65 -17.05 22.60 1.95
N VAL B 66 -17.42 22.52 3.22
CA VAL B 66 -18.74 22.04 3.58
C VAL B 66 -19.77 22.95 2.90
N ASP B 67 -20.94 22.37 2.58
CA ASP B 67 -21.94 23.10 1.81
C ASP B 67 -22.35 24.41 2.49
N SER B 68 -22.49 24.38 3.82
CA SER B 68 -23.07 25.51 4.54
C SER B 68 -22.26 26.78 4.42
N VAL B 69 -21.06 26.73 3.83
CA VAL B 69 -20.16 27.86 3.81
C VAL B 69 -19.66 28.21 2.42
N LYS B 70 -20.09 27.48 1.39
CA LYS B 70 -19.57 27.72 0.05
C LYS B 70 -19.93 29.13 -0.40
N GLY B 71 -18.95 29.83 -0.96
CA GLY B 71 -19.13 31.20 -1.37
C GLY B 71 -18.96 32.21 -0.24
N ARG B 72 -19.11 31.78 1.01
CA ARG B 72 -18.96 32.65 2.18
C ARG B 72 -17.59 32.54 2.83
N PHE B 73 -17.00 31.35 2.83
CA PHE B 73 -15.72 31.11 3.47
C PHE B 73 -14.65 30.86 2.42
N THR B 74 -13.44 31.30 2.71
CA THR B 74 -12.30 31.08 1.82
C THR B 74 -11.09 30.66 2.66
N ILE B 75 -10.53 29.50 2.34
CA ILE B 75 -9.35 28.99 3.02
C ILE B 75 -8.14 29.16 2.12
N SER B 76 -6.99 29.44 2.72
CA SER B 76 -5.77 29.67 1.94
C SER B 76 -4.56 29.35 2.82
N ARG B 77 -3.39 29.32 2.18
CA ARG B 77 -2.15 29.02 2.88
C ARG B 77 -1.01 29.79 2.26
N ASP B 78 -0.05 30.17 3.10
CA ASP B 78 1.18 30.81 2.66
C ASP B 78 2.32 29.87 3.03
N ASN B 79 2.81 29.12 2.03
CA ASN B 79 3.89 28.17 2.29
C ASN B 79 5.24 28.86 2.47
N ASP B 80 5.36 30.15 2.16
CA ASP B 80 6.60 30.87 2.45
C ASP B 80 6.67 31.29 3.92
N LYS B 81 5.53 31.43 4.59
CA LYS B 81 5.48 31.90 5.96
C LYS B 81 4.85 30.88 6.91
N ASN B 82 4.52 29.68 6.43
CA ASN B 82 3.89 28.66 7.26
C ASN B 82 2.66 29.21 7.96
N MET B 83 1.76 29.82 7.18
CA MET B 83 0.52 30.40 7.66
C MET B 83 -0.66 29.79 6.91
N ALA B 84 -1.74 29.53 7.63
CA ALA B 84 -3.03 29.17 7.04
C ALA B 84 -4.09 30.13 7.55
N TYR B 85 -5.09 30.40 6.70
CA TYR B 85 -6.14 31.35 7.02
C TYR B 85 -7.50 30.76 6.69
N LEU B 86 -8.52 31.26 7.40
CA LEU B 86 -9.92 30.98 7.08
C LEU B 86 -10.62 32.33 7.07
N GLN B 87 -10.64 32.97 5.90
CA GLN B 87 -11.35 34.23 5.72
C GLN B 87 -12.84 33.94 5.61
N MET B 88 -13.63 34.54 6.50
CA MET B 88 -15.06 34.29 6.59
C MET B 88 -15.85 35.54 6.24
N SER B 89 -17.09 35.32 5.79
CA SER B 89 -17.96 36.41 5.37
C SER B 89 -19.41 35.95 5.43
N SER B 90 -20.33 36.92 5.48
CA SER B 90 -21.75 36.64 5.55
C SER B 90 -22.09 35.81 6.79
N LEU B 91 -21.46 36.16 7.92
CA LEU B 91 -21.58 35.34 9.11
C LEU B 91 -23.05 35.17 9.52
N LYS B 92 -23.35 34.01 10.08
CA LYS B 92 -24.69 33.65 10.50
C LYS B 92 -24.69 33.17 11.94
N PRO B 93 -25.81 33.32 12.66
CA PRO B 93 -25.84 32.88 14.07
C PRO B 93 -25.46 31.43 14.27
N ASP B 94 -25.50 30.59 13.23
CA ASP B 94 -25.09 29.20 13.38
C ASP B 94 -23.57 29.04 13.33
N ASP B 95 -22.89 29.85 12.53
CA ASP B 95 -21.43 29.80 12.41
C ASP B 95 -20.71 30.02 13.72
N THR B 96 -21.41 30.34 14.80
CA THR B 96 -20.77 30.53 16.10
C THR B 96 -20.31 29.19 16.66
N ALA B 97 -19.03 29.09 16.96
CA ALA B 97 -18.44 27.87 17.52
C ALA B 97 -16.95 28.12 17.73
N VAL B 98 -16.29 27.17 18.39
CA VAL B 98 -14.84 27.19 18.51
C VAL B 98 -14.24 26.61 17.23
N TYR B 99 -13.39 27.39 16.58
CA TYR B 99 -12.79 26.99 15.31
C TYR B 99 -11.39 26.48 15.53
N TYR B 100 -11.09 25.31 14.95
CA TYR B 100 -9.81 24.62 15.11
C TYR B 100 -9.13 24.44 13.76
N CYS B 101 -7.83 24.74 13.73
CA CYS B 101 -6.99 24.45 12.58
C CYS B 101 -6.17 23.19 12.85
N SER B 102 -6.06 22.32 11.85
CA SER B 102 -5.25 21.10 11.98
C SER B 102 -4.39 20.92 10.74
N ALA B 103 -3.32 20.16 10.92
CA ALA B 103 -2.38 19.86 9.85
C ALA B 103 -2.10 18.36 9.88
N LEU B 104 -2.00 17.76 8.69
CA LEU B 104 -1.73 16.34 8.59
C LEU B 104 -1.19 16.00 7.21
N ASN B 105 -0.18 15.14 7.17
CA ASN B 105 0.35 14.61 5.92
C ASN B 105 -0.01 13.14 5.75
N LEU B 106 0.29 12.32 6.74
CA LEU B 106 -0.10 10.92 6.75
C LEU B 106 -1.42 10.78 7.47
N GLU B 107 -2.32 9.98 6.90
CA GLU B 107 -3.61 9.77 7.52
C GLU B 107 -3.42 9.22 8.93
N ASP B 108 -4.21 9.74 9.87
CA ASP B 108 -4.20 9.40 11.30
C ASP B 108 -3.12 10.15 12.08
N MET B 109 -2.27 10.94 11.43
CA MET B 109 -1.23 11.70 12.13
C MET B 109 -1.58 13.18 11.97
N GLU B 110 -2.56 13.62 12.76
CA GLU B 110 -3.18 14.94 12.63
C GLU B 110 -2.82 15.77 13.85
N TYR B 111 -2.13 16.89 13.61
CA TYR B 111 -1.75 17.83 14.65
C TYR B 111 -2.79 18.94 14.75
N TRP B 112 -3.18 19.28 15.98
CA TRP B 112 -4.28 20.19 16.24
C TRP B 112 -3.82 21.51 16.84
N GLY B 113 -4.62 22.55 16.61
CA GLY B 113 -4.42 23.83 17.24
C GLY B 113 -5.24 23.95 18.51
N GLN B 114 -5.06 25.10 19.17
CA GLN B 114 -5.68 25.31 20.48
C GLN B 114 -7.16 25.64 20.36
N GLY B 115 -7.54 26.39 19.34
CA GLY B 115 -8.92 26.77 19.13
C GLY B 115 -9.14 28.24 19.40
N THR B 116 -10.13 28.82 18.71
CA THR B 116 -10.51 30.21 18.89
C THR B 116 -12.03 30.32 18.81
N GLN B 117 -12.62 30.97 19.81
CA GLN B 117 -14.07 31.06 19.91
C GLN B 117 -14.58 32.24 19.09
N VAL B 118 -15.56 31.97 18.23
CA VAL B 118 -16.22 32.98 17.41
C VAL B 118 -17.72 32.87 17.62
N THR B 119 -18.38 34.00 17.85
CA THR B 119 -19.81 34.03 18.12
C THR B 119 -20.50 35.01 17.19
N VAL B 120 -21.67 34.62 16.68
CA VAL B 120 -22.43 35.48 15.79
C VAL B 120 -23.81 35.74 16.39
N PRO C 2 -7.95 17.65 20.25
CA PRO C 2 -6.94 18.10 21.23
C PRO C 2 -6.89 17.22 22.49
N LEU C 3 -7.30 15.96 22.37
CA LEU C 3 -7.40 15.11 23.56
C LEU C 3 -6.06 14.97 24.28
N GLY C 4 -4.94 15.06 23.55
CA GLY C 4 -3.64 15.07 24.18
C GLY C 4 -3.33 16.37 24.91
N SER C 5 -3.97 17.48 24.52
CA SER C 5 -3.73 18.76 25.18
C SER C 5 -4.26 18.80 26.60
N GLN C 6 -4.80 17.69 27.12
CA GLN C 6 -5.23 17.63 28.51
C GLN C 6 -4.04 17.48 29.47
N VAL C 7 -2.92 16.94 28.99
CA VAL C 7 -1.72 16.82 29.80
C VAL C 7 -0.95 18.14 29.75
N GLN C 8 -0.60 18.67 30.92
CA GLN C 8 0.11 19.93 31.05
C GLN C 8 1.39 19.74 31.85
N LEU C 9 2.46 20.40 31.42
CA LEU C 9 3.77 20.33 32.07
C LEU C 9 4.05 21.69 32.70
N VAL C 10 3.69 21.84 33.97
CA VAL C 10 3.87 23.11 34.68
C VAL C 10 5.25 23.13 35.33
N GLU C 11 6.09 24.07 34.91
CA GLU C 11 7.50 24.11 35.26
C GLU C 11 7.82 25.32 36.13
N THR C 12 8.65 25.11 37.15
CA THR C 12 8.99 26.19 38.09
C THR C 12 10.48 26.11 38.40
N GLY C 13 11.01 27.22 38.93
CA GLY C 13 12.36 27.26 39.42
C GLY C 13 13.39 27.97 38.56
N GLY C 14 12.97 28.75 37.58
CA GLY C 14 13.91 29.55 36.83
C GLY C 14 14.25 30.82 37.60
N GLY C 15 15.12 31.62 37.01
CA GLY C 15 15.38 32.94 37.55
C GLY C 15 16.81 33.38 37.29
N LEU C 16 17.18 34.46 37.98
CA LEU C 16 18.51 35.05 37.87
C LEU C 16 19.47 34.35 38.83
N VAL C 17 20.74 34.26 38.42
CA VAL C 17 21.78 33.72 39.28
C VAL C 17 23.13 34.20 38.79
N GLN C 18 24.07 34.36 39.71
CA GLN C 18 25.43 34.72 39.35
C GLN C 18 26.17 33.51 38.79
N ALA C 19 27.11 33.77 37.90
CA ALA C 19 27.92 32.71 37.33
C ALA C 19 28.59 31.90 38.43
N GLY C 20 28.58 30.58 38.26
CA GLY C 20 29.11 29.69 39.27
C GLY C 20 28.10 29.16 40.26
N GLY C 21 26.95 29.82 40.40
CA GLY C 21 25.90 29.35 41.26
C GLY C 21 25.11 28.21 40.64
N SER C 22 23.98 27.91 41.25
CA SER C 22 23.15 26.79 40.82
C SER C 22 21.69 27.19 40.81
N LEU C 23 20.91 26.50 39.98
CA LEU C 23 19.46 26.57 39.99
C LEU C 23 18.91 25.14 40.00
N ARG C 24 17.69 25.00 40.50
CA ARG C 24 16.95 23.74 40.45
C ARG C 24 15.66 24.00 39.67
N LEU C 25 15.54 23.39 38.50
CA LEU C 25 14.30 23.43 37.75
C LEU C 25 13.41 22.28 38.21
N SER C 26 12.11 22.49 38.13
CA SER C 26 11.13 21.44 38.53
C SER C 26 9.97 21.45 37.53
N CYS C 27 9.32 20.31 37.35
CA CYS C 27 8.20 20.17 36.40
C CYS C 27 7.28 19.08 36.90
N THR C 28 6.02 19.42 37.12
CA THR C 28 5.01 18.42 37.52
C THR C 28 3.98 18.38 36.40
N ALA C 29 3.59 17.20 35.98
CA ALA C 29 2.54 17.03 34.97
C ALA C 29 1.19 16.87 35.65
N SER C 30 0.16 17.43 35.02
CA SER C 30 -1.21 17.27 35.50
C SER C 30 -2.09 16.81 34.35
N GLY C 31 -3.12 16.06 34.70
CA GLY C 31 -4.06 15.56 33.71
C GLY C 31 -3.66 14.27 33.04
N ALA C 32 -2.69 13.53 33.58
CA ALA C 32 -2.24 12.28 33.00
C ALA C 32 -2.74 11.11 33.82
N ASP C 33 -3.37 10.14 33.15
CA ASP C 33 -3.76 8.87 33.74
C ASP C 33 -2.69 7.82 33.53
N PHE C 34 -1.43 8.21 33.55
CA PHE C 34 -0.33 7.35 33.16
C PHE C 34 0.95 7.93 33.72
N SER C 35 2.02 7.16 33.62
CA SER C 35 3.36 7.57 34.04
C SER C 35 4.25 7.66 32.80
N PHE C 36 4.86 8.82 32.59
CA PHE C 36 5.75 8.98 31.45
C PHE C 36 6.87 7.95 31.48
N TYR C 37 7.24 7.44 30.30
CA TYR C 37 8.40 6.57 30.23
C TYR C 37 9.68 7.36 30.47
N ALA C 38 9.82 8.50 29.80
CA ALA C 38 10.97 9.37 29.98
C ALA C 38 10.49 10.80 30.20
N MET C 39 11.23 11.55 31.02
CA MET C 39 11.05 12.97 31.16
C MET C 39 12.41 13.64 31.15
N GLY C 40 12.45 14.89 30.72
CA GLY C 40 13.72 15.56 30.63
C GLY C 40 13.58 17.03 30.30
N TRP C 41 14.72 17.64 29.97
CA TRP C 41 14.83 19.07 29.80
C TRP C 41 15.56 19.39 28.51
N TYR C 42 15.01 20.32 27.74
CA TYR C 42 15.68 20.90 26.58
C TYR C 42 15.86 22.39 26.84
N ARG C 43 16.73 23.01 26.06
CA ARG C 43 16.93 24.44 26.17
C ARG C 43 17.03 25.05 24.78
N GLN C 44 16.83 26.37 24.73
CA GLN C 44 17.03 27.15 23.53
C GLN C 44 17.69 28.46 23.94
N THR C 45 18.96 28.63 23.55
CA THR C 45 19.76 29.82 23.79
C THR C 45 19.53 30.84 22.69
N PRO C 46 19.69 32.13 22.98
CA PRO C 46 19.43 33.17 21.97
C PRO C 46 20.21 32.92 20.69
N GLY C 47 19.50 32.98 19.56
CA GLY C 47 20.14 32.80 18.27
C GLY C 47 20.64 31.40 18.00
N ASN C 48 19.98 30.39 18.55
CA ASN C 48 20.37 29.00 18.34
C ASN C 48 19.14 28.13 18.54
N SER C 49 19.17 26.95 17.92
CA SER C 49 18.00 26.08 17.93
C SER C 49 17.95 25.25 19.23
N ARG C 50 16.87 24.47 19.35
CA ARG C 50 16.51 23.79 20.58
C ARG C 50 17.37 22.53 20.77
N GLU C 51 18.02 22.41 21.95
CA GLU C 51 18.95 21.31 22.17
C GLU C 51 18.65 20.58 23.46
N LEU C 52 18.91 19.28 23.45
CA LEU C 52 18.71 18.43 24.62
C LEU C 52 19.67 18.83 25.74
N VAL C 53 19.15 18.96 26.96
CA VAL C 53 20.02 19.21 28.12
C VAL C 53 20.21 17.88 28.86
N ALA C 54 19.13 17.28 29.33
CA ALA C 54 19.22 16.01 30.02
C ALA C 54 17.84 15.35 30.03
N VAL C 55 17.80 14.05 29.73
CA VAL C 55 16.55 13.29 29.72
C VAL C 55 16.83 11.90 30.29
N MET C 56 15.90 11.40 31.08
CA MET C 56 16.07 10.15 31.81
C MET C 56 14.80 9.32 31.66
N ASN C 57 14.96 8.00 31.51
CA ASN C 57 13.79 7.12 31.46
C ASN C 57 13.75 6.23 32.69
N LEU C 58 12.60 5.57 32.88
CA LEU C 58 12.35 4.83 34.10
C LEU C 58 13.26 3.62 34.26
N ASN C 59 13.95 3.19 33.19
CA ASN C 59 14.95 2.15 33.34
C ASN C 59 16.29 2.70 33.80
N GLY C 60 16.41 4.02 33.95
CA GLY C 60 17.61 4.64 34.48
C GLY C 60 18.55 5.17 33.42
N VAL C 61 18.20 5.06 32.14
CA VAL C 61 19.07 5.56 31.08
C VAL C 61 18.98 7.07 31.05
N ILE C 62 20.13 7.74 30.98
CA ILE C 62 20.19 9.19 30.95
C ILE C 62 20.94 9.62 29.70
N SER C 63 20.38 10.57 28.97
CA SER C 63 21.03 11.19 27.83
C SER C 63 21.24 12.67 28.12
N TYR C 64 22.37 13.21 27.68
CA TYR C 64 22.76 14.58 27.97
C TYR C 64 23.18 15.33 26.71
N GLY C 65 22.95 16.63 26.72
CA GLY C 65 23.61 17.54 25.78
C GLY C 65 25.09 17.66 26.09
N ASP C 66 25.81 18.47 25.31
CA ASP C 66 27.27 18.34 25.24
C ASP C 66 27.94 18.59 26.59
N SER C 67 27.54 19.63 27.32
CA SER C 67 28.24 20.01 28.55
C SER C 67 27.43 19.74 29.81
N ALA C 68 26.45 18.85 29.74
CA ALA C 68 25.56 18.67 30.88
C ALA C 68 26.10 17.65 31.88
N ARG C 69 26.57 16.49 31.40
CA ARG C 69 26.96 15.42 32.31
C ARG C 69 28.13 15.86 33.20
N GLY C 70 27.98 15.68 34.50
CA GLY C 70 28.94 16.13 35.47
C GLY C 70 28.55 17.42 36.16
N ARG C 71 27.80 18.28 35.47
CA ARG C 71 27.31 19.55 36.00
C ARG C 71 25.83 19.50 36.36
N PHE C 72 25.01 19.00 35.43
CA PHE C 72 23.56 18.98 35.58
C PHE C 72 23.13 17.59 35.99
N ASP C 73 22.41 17.51 37.11
CA ASP C 73 21.87 16.24 37.57
C ASP C 73 20.36 16.26 37.36
N ILE C 74 19.84 15.23 36.70
CA ILE C 74 18.40 15.07 36.51
C ILE C 74 17.91 14.01 37.48
N SER C 75 16.73 14.24 38.06
CA SER C 75 16.14 13.27 38.97
C SER C 75 14.61 13.29 38.80
N ARG C 76 13.97 12.28 39.38
CA ARG C 76 12.54 12.10 39.21
C ARG C 76 11.96 11.44 40.44
N ASP C 77 10.73 11.81 40.78
CA ASP C 77 10.04 11.32 41.97
C ASP C 77 9.39 9.99 41.64
N GLY C 78 10.23 8.95 41.56
CA GLY C 78 9.71 7.61 41.31
C GLY C 78 9.07 7.55 39.93
N THR C 79 7.88 6.94 39.86
CA THR C 79 7.13 6.90 38.62
C THR C 79 6.16 8.06 38.46
N LYS C 80 6.04 8.93 39.48
CA LYS C 80 5.24 10.14 39.33
C LYS C 80 5.84 11.01 38.23
N ASN C 81 4.98 11.81 37.60
CA ASN C 81 5.43 12.69 36.51
C ASN C 81 5.99 14.00 37.06
N ILE C 82 6.99 13.86 37.93
CA ILE C 82 7.66 14.98 38.59
C ILE C 82 9.16 14.82 38.37
N VAL C 83 9.78 15.81 37.73
CA VAL C 83 11.18 15.70 37.34
C VAL C 83 11.90 16.99 37.70
N PHE C 84 13.18 16.84 38.07
CA PHE C 84 13.98 17.97 38.53
C PHE C 84 15.26 18.06 37.72
N LEU C 85 15.76 19.28 37.58
CA LEU C 85 17.06 19.53 36.96
C LEU C 85 17.88 20.40 37.91
N GLN C 86 18.88 19.80 38.53
CA GLN C 86 19.82 20.50 39.40
C GLN C 86 20.98 20.99 38.53
N MET C 87 21.01 22.30 38.25
CA MET C 87 22.01 22.90 37.37
C MET C 87 23.10 23.57 38.21
N ASN C 88 24.23 22.88 38.38
CA ASN C 88 25.36 23.41 39.12
C ASN C 88 26.33 24.14 38.18
N SER C 89 27.22 24.92 38.79
CA SER C 89 28.30 25.61 38.07
C SER C 89 27.79 26.26 36.79
N LEU C 90 26.71 27.03 36.92
CA LEU C 90 26.14 27.70 35.76
C LEU C 90 27.15 28.68 35.17
N LYS C 91 27.00 28.94 33.87
CA LYS C 91 27.86 29.86 33.14
C LYS C 91 26.98 30.74 32.26
N PRO C 92 27.49 31.92 31.87
CA PRO C 92 26.62 32.87 31.12
C PRO C 92 25.99 32.30 29.86
N GLU C 93 26.67 31.41 29.14
CA GLU C 93 26.11 30.86 27.90
C GLU C 93 25.09 29.75 28.15
N ASP C 94 24.80 29.41 29.40
CA ASP C 94 23.65 28.60 29.74
C ASP C 94 22.36 29.41 29.79
N THR C 95 22.42 30.71 29.50
CA THR C 95 21.24 31.56 29.52
C THR C 95 20.31 31.19 28.37
N GLY C 96 19.03 31.06 28.67
CA GLY C 96 18.06 30.69 27.67
C GLY C 96 16.80 30.14 28.33
N VAL C 97 15.89 29.67 27.49
CA VAL C 97 14.62 29.12 27.92
C VAL C 97 14.73 27.60 28.00
N TYR C 98 14.28 27.03 29.11
CA TYR C 98 14.37 25.60 29.38
C TYR C 98 12.98 24.97 29.37
N TYR C 99 12.79 23.94 28.53
CA TYR C 99 11.45 23.35 28.37
C TYR C 99 11.39 21.95 28.99
N CYS C 100 10.26 21.62 29.61
CA CYS C 100 10.09 20.25 30.14
C CYS C 100 9.73 19.34 28.97
N ASN C 101 10.01 18.05 29.08
CA ASN C 101 9.64 17.09 28.01
C ASN C 101 9.13 15.82 28.65
N GLY C 102 8.04 15.26 28.13
CA GLY C 102 7.55 13.98 28.59
C GLY C 102 7.25 13.04 27.44
N MET C 103 7.74 11.80 27.54
CA MET C 103 7.59 10.81 26.47
C MET C 103 6.91 9.58 27.04
N ARG C 104 5.78 9.20 26.45
CA ARG C 104 5.04 8.02 26.87
C ARG C 104 5.72 6.77 26.32
N LEU C 105 5.51 5.66 27.02
CA LEU C 105 6.00 4.39 26.56
C LEU C 105 5.19 3.93 25.34
N TYR C 106 5.82 3.15 24.48
CA TYR C 106 5.10 2.44 23.44
C TYR C 106 5.85 1.15 23.12
N THR C 107 5.10 0.19 22.59
CA THR C 107 5.62 -1.08 22.10
C THR C 107 5.23 -1.23 20.63
N ARG C 108 5.70 -2.29 19.99
CA ARG C 108 5.50 -2.40 18.54
C ARG C 108 4.03 -2.33 18.16
N GLY C 109 3.17 -2.92 18.98
CA GLY C 109 1.76 -3.00 18.65
C GLY C 109 0.84 -2.04 19.37
N SER C 110 1.36 -1.08 20.13
CA SER C 110 0.53 -0.24 20.97
C SER C 110 0.20 1.06 20.27
N VAL C 111 -0.81 1.74 20.81
CA VAL C 111 -1.14 3.09 20.35
C VAL C 111 0.03 4.03 20.61
N ARG C 112 0.24 4.97 19.70
CA ARG C 112 1.27 5.98 19.84
C ARG C 112 0.64 7.32 20.22
N HIS C 113 1.41 8.11 20.96
CA HIS C 113 0.99 9.42 21.40
C HIS C 113 2.08 10.44 21.14
N PRO C 114 1.73 11.66 20.77
CA PRO C 114 2.73 12.73 20.70
C PRO C 114 3.42 12.90 22.04
N GLU C 115 4.60 13.51 22.01
CA GLU C 115 5.29 13.83 23.26
C GLU C 115 4.71 15.11 23.84
N SER C 116 4.87 15.26 25.16
CA SER C 116 4.45 16.46 25.86
C SER C 116 5.61 17.43 26.02
N TRP C 117 5.28 18.72 26.03
CA TRP C 117 6.26 19.78 26.13
C TRP C 117 5.72 20.86 27.04
N GLY C 118 6.58 21.40 27.90
CA GLY C 118 6.18 22.51 28.73
C GLY C 118 6.28 23.84 27.99
N GLN C 119 5.64 24.86 28.58
CA GLN C 119 5.63 26.17 27.96
C GLN C 119 7.02 26.80 27.96
N GLY C 120 7.87 26.43 28.89
CA GLY C 120 9.20 26.99 29.04
C GLY C 120 9.29 27.97 30.21
N ILE C 121 10.49 28.05 30.80
CA ILE C 121 10.80 29.03 31.83
C ILE C 121 12.21 29.54 31.61
N GLN C 122 12.42 30.82 31.91
CA GLN C 122 13.67 31.51 31.60
C GLN C 122 14.72 31.25 32.68
N VAL C 123 15.94 30.94 32.24
CA VAL C 123 17.11 30.89 33.10
C VAL C 123 18.11 31.91 32.56
N THR C 124 18.58 32.78 33.43
CA THR C 124 19.52 33.82 33.03
C THR C 124 20.59 33.93 34.11
N VAL C 125 21.84 33.70 33.71
CA VAL C 125 22.98 33.68 34.63
C VAL C 125 23.90 34.82 34.25
N SER C 126 24.14 35.73 35.20
CA SER C 126 25.02 36.87 34.94
C SER C 126 26.47 36.45 35.18
N SER C 127 27.38 37.13 34.49
CA SER C 127 28.80 36.81 34.58
C SER C 127 29.46 37.65 35.67
N GLY D 1 10.35 -23.90 -7.62
CA GLY D 1 9.94 -24.49 -8.89
C GLY D 1 8.47 -24.29 -9.21
N PRO D 2 7.83 -25.30 -9.79
CA PRO D 2 6.41 -25.16 -10.14
C PRO D 2 5.53 -25.05 -8.91
N LEU D 3 4.42 -24.33 -9.07
CA LEU D 3 3.42 -24.13 -8.01
C LEU D 3 2.13 -24.87 -8.37
N GLY D 4 1.54 -25.53 -7.38
CA GLY D 4 0.25 -26.18 -7.57
C GLY D 4 -0.91 -25.27 -7.22
N SER D 5 -2.11 -25.81 -7.41
CA SER D 5 -3.32 -25.07 -7.07
C SER D 5 -3.38 -24.82 -5.57
N GLN D 6 -3.83 -23.63 -5.18
CA GLN D 6 -3.95 -23.32 -3.76
C GLN D 6 -4.97 -24.24 -3.08
N VAL D 7 -5.94 -24.74 -3.84
CA VAL D 7 -6.98 -25.60 -3.28
C VAL D 7 -7.07 -26.85 -4.15
N GLN D 8 -7.32 -27.98 -3.50
CA GLN D 8 -7.40 -29.27 -4.16
C GLN D 8 -8.79 -29.83 -3.91
N LEU D 9 -9.55 -30.09 -4.98
CA LEU D 9 -10.85 -30.75 -4.86
C LEU D 9 -10.64 -32.22 -5.14
N VAL D 10 -10.83 -33.04 -4.12
CA VAL D 10 -10.57 -34.47 -4.21
C VAL D 10 -11.92 -35.16 -4.24
N GLU D 11 -12.34 -35.53 -5.44
CA GLU D 11 -13.61 -36.21 -5.63
C GLU D 11 -13.43 -37.70 -5.42
N SER D 12 -14.50 -38.36 -4.99
CA SER D 12 -14.49 -39.79 -4.79
C SER D 12 -15.89 -40.34 -5.01
N GLY D 13 -15.97 -41.66 -5.15
CA GLY D 13 -17.28 -42.32 -5.22
C GLY D 13 -17.73 -42.54 -6.63
N GLY D 14 -19.03 -42.36 -6.89
CA GLY D 14 -19.54 -42.69 -8.21
C GLY D 14 -19.49 -44.20 -8.42
N GLY D 15 -19.53 -44.59 -9.69
CA GLY D 15 -19.46 -46.00 -10.05
C GLY D 15 -20.41 -46.40 -11.15
N SER D 16 -20.77 -47.69 -11.18
CA SER D 16 -21.64 -48.23 -12.22
C SER D 16 -22.73 -49.06 -11.58
N VAL D 17 -23.97 -48.71 -11.86
CA VAL D 17 -25.13 -49.40 -11.31
C VAL D 17 -26.13 -49.66 -12.45
N GLN D 18 -27.17 -50.41 -12.12
CA GLN D 18 -28.29 -50.65 -13.00
C GLN D 18 -29.35 -49.57 -12.83
N PRO D 19 -30.24 -49.42 -13.80
CA PRO D 19 -31.35 -48.46 -13.64
C PRO D 19 -32.10 -48.71 -12.34
N GLY D 20 -32.47 -47.60 -11.69
CA GLY D 20 -33.06 -47.67 -10.37
C GLY D 20 -32.07 -47.75 -9.24
N GLY D 21 -30.78 -47.93 -9.52
CA GLY D 21 -29.78 -48.04 -8.49
C GLY D 21 -29.41 -46.69 -7.87
N SER D 22 -28.54 -46.75 -6.87
CA SER D 22 -28.08 -45.56 -6.16
C SER D 22 -26.57 -45.51 -6.16
N LEU D 23 -26.03 -44.29 -6.12
CA LEU D 23 -24.60 -44.04 -6.00
C LEU D 23 -24.40 -42.76 -5.22
N ARG D 24 -23.27 -42.67 -4.52
CA ARG D 24 -22.90 -41.47 -3.77
C ARG D 24 -21.65 -40.85 -4.39
N LEU D 25 -21.65 -39.53 -4.46
CA LEU D 25 -20.50 -38.75 -4.89
C LEU D 25 -20.04 -37.90 -3.72
N SER D 26 -18.74 -37.74 -3.58
CA SER D 26 -18.21 -36.92 -2.49
C SER D 26 -17.01 -36.14 -3.00
N CYS D 27 -16.75 -34.99 -2.37
CA CYS D 27 -15.58 -34.19 -2.73
C CYS D 27 -15.06 -33.52 -1.48
N ALA D 28 -13.77 -33.71 -1.22
CA ALA D 28 -13.09 -33.05 -0.12
C ALA D 28 -12.32 -31.86 -0.66
N ALA D 29 -12.63 -30.67 -0.15
CA ALA D 29 -11.89 -29.46 -0.48
C ALA D 29 -10.71 -29.32 0.47
N ILE D 30 -9.50 -29.37 -0.05
CA ILE D 30 -8.31 -29.32 0.78
C ILE D 30 -7.71 -27.92 0.66
N GLY D 31 -7.62 -27.22 1.79
CA GLY D 31 -6.92 -25.95 1.86
C GLY D 31 -7.72 -24.71 1.52
N SER D 32 -9.05 -24.84 1.43
CA SER D 32 -9.87 -23.68 0.99
C SER D 32 -10.52 -22.97 2.17
N VAL D 33 -10.85 -21.69 2.00
CA VAL D 33 -11.65 -21.00 3.05
C VAL D 33 -13.08 -21.43 2.71
N PHE D 34 -13.40 -22.71 2.92
CA PHE D 34 -14.71 -23.29 2.53
C PHE D 34 -15.85 -22.31 2.76
N THR D 35 -15.78 -21.52 3.83
CA THR D 35 -16.94 -20.66 4.17
C THR D 35 -17.28 -19.74 2.99
N MET D 36 -16.30 -19.24 2.24
CA MET D 36 -16.56 -18.27 1.15
C MET D 36 -16.76 -18.95 -0.22
N TYR D 37 -17.38 -20.14 -0.27
CA TYR D 37 -17.66 -20.80 -1.53
C TYR D 37 -19.01 -21.47 -1.52
N THR D 38 -19.73 -21.35 -2.64
CA THR D 38 -20.82 -22.26 -2.93
C THR D 38 -20.22 -23.56 -3.45
N THR D 39 -20.80 -24.68 -3.03
CA THR D 39 -20.32 -26.00 -3.44
C THR D 39 -21.39 -26.68 -4.28
N ALA D 40 -21.02 -27.08 -5.49
CA ALA D 40 -21.99 -27.57 -6.47
C ALA D 40 -21.44 -28.78 -7.19
N TRP D 41 -22.35 -29.62 -7.69
CA TRP D 41 -21.98 -30.73 -8.56
C TRP D 41 -22.54 -30.47 -9.95
N TYR D 42 -21.70 -30.73 -10.94
CA TYR D 42 -22.01 -30.59 -12.35
C TYR D 42 -21.78 -31.92 -13.02
N ARG D 43 -22.35 -32.10 -14.20
CA ARG D 43 -22.07 -33.30 -14.98
C ARG D 43 -21.90 -32.92 -16.44
N GLN D 44 -21.14 -33.75 -17.15
CA GLN D 44 -20.79 -33.47 -18.54
C GLN D 44 -20.62 -34.77 -19.30
N THR D 45 -21.19 -34.83 -20.48
CA THR D 45 -20.92 -35.92 -21.41
C THR D 45 -20.10 -35.39 -22.58
N PRO D 46 -19.24 -36.23 -23.17
CA PRO D 46 -18.37 -35.74 -24.24
C PRO D 46 -19.13 -34.98 -25.31
N GLY D 47 -18.55 -33.85 -25.75
CA GLY D 47 -19.14 -33.01 -26.77
C GLY D 47 -20.28 -32.13 -26.29
N ASN D 48 -20.69 -32.25 -25.03
CA ASN D 48 -21.83 -31.54 -24.49
C ASN D 48 -21.38 -30.51 -23.46
N LEU D 49 -22.35 -29.75 -22.98
CA LEU D 49 -22.10 -28.67 -22.02
C LEU D 49 -22.08 -29.22 -20.60
N ARG D 50 -21.15 -28.71 -19.81
CA ARG D 50 -21.13 -28.99 -18.38
C ARG D 50 -22.38 -28.38 -17.75
N GLU D 51 -23.20 -29.20 -17.11
CA GLU D 51 -24.49 -28.76 -16.63
C GLU D 51 -24.60 -28.92 -15.12
N LEU D 52 -25.31 -27.98 -14.51
CA LEU D 52 -25.52 -27.99 -13.07
C LEU D 52 -26.46 -29.13 -12.67
N VAL D 53 -26.09 -29.85 -11.63
CA VAL D 53 -26.95 -30.87 -11.03
C VAL D 53 -27.54 -30.39 -9.71
N ALA D 54 -26.72 -29.78 -8.86
CA ALA D 54 -27.17 -29.35 -7.55
C ALA D 54 -26.07 -28.50 -6.94
N SER D 55 -26.49 -27.51 -6.13
CA SER D 55 -25.55 -26.67 -5.42
C SER D 55 -26.08 -26.40 -4.02
N ILE D 56 -25.17 -26.01 -3.14
CA ILE D 56 -25.53 -25.74 -1.74
C ILE D 56 -24.58 -24.69 -1.19
N THR D 57 -25.12 -23.76 -0.41
CA THR D 57 -24.40 -22.63 0.15
C THR D 57 -23.82 -22.99 1.51
N ASP D 58 -23.02 -22.07 2.07
CA ASP D 58 -22.41 -22.26 3.38
C ASP D 58 -23.45 -22.42 4.47
N GLU D 59 -24.59 -21.76 4.34
CA GLU D 59 -25.70 -21.95 5.26
C GLU D 59 -26.54 -23.18 4.93
N HIS D 60 -26.16 -23.97 3.93
CA HIS D 60 -26.84 -25.23 3.62
C HIS D 60 -28.14 -25.02 2.88
N ARG D 61 -28.27 -23.90 2.16
CA ARG D 61 -29.41 -23.72 1.28
C ARG D 61 -29.13 -24.40 -0.05
N THR D 62 -30.04 -25.27 -0.47
CA THR D 62 -29.84 -26.13 -1.62
C THR D 62 -30.56 -25.61 -2.86
N ASN D 63 -30.07 -26.03 -4.02
CA ASN D 63 -30.67 -25.71 -5.30
C ASN D 63 -30.48 -26.93 -6.21
N TYR D 64 -31.57 -27.45 -6.76
CA TYR D 64 -31.54 -28.64 -7.59
C TYR D 64 -31.96 -28.34 -9.02
N ALA D 65 -31.24 -28.91 -9.97
CA ALA D 65 -31.75 -28.96 -11.35
C ALA D 65 -33.00 -29.83 -11.40
N ALA D 66 -33.83 -29.59 -12.41
CA ALA D 66 -35.08 -30.32 -12.51
C ALA D 66 -34.86 -31.82 -12.53
N SER D 67 -33.77 -32.28 -13.16
CA SER D 67 -33.50 -33.71 -13.23
C SER D 67 -33.22 -34.31 -11.86
N ALA D 68 -32.64 -33.52 -10.95
CA ALA D 68 -32.22 -34.03 -9.65
C ALA D 68 -33.33 -33.99 -8.60
N GLU D 69 -34.39 -33.22 -8.84
CA GLU D 69 -35.43 -33.07 -7.83
C GLU D 69 -36.13 -34.40 -7.57
N GLY D 70 -36.19 -34.78 -6.31
CA GLY D 70 -36.89 -35.98 -5.91
C GLY D 70 -36.07 -37.25 -5.91
N ARG D 71 -34.84 -37.23 -6.43
CA ARG D 71 -33.99 -38.41 -6.39
C ARG D 71 -32.57 -38.15 -5.89
N PHE D 72 -32.04 -36.94 -6.04
CA PHE D 72 -30.70 -36.60 -5.60
C PHE D 72 -30.80 -35.65 -4.41
N THR D 73 -29.85 -35.78 -3.49
CA THR D 73 -29.76 -34.90 -2.33
C THR D 73 -28.31 -34.50 -2.15
N ILE D 74 -28.06 -33.19 -2.04
CA ILE D 74 -26.72 -32.63 -1.92
C ILE D 74 -26.54 -32.15 -0.49
N SER D 75 -25.37 -32.44 0.07
CA SER D 75 -25.07 -32.07 1.46
C SER D 75 -23.66 -31.53 1.53
N ARG D 76 -23.35 -30.90 2.66
CA ARG D 76 -22.16 -30.09 2.84
C ARG D 76 -21.73 -30.18 4.29
N ASP D 77 -20.43 -30.40 4.51
CA ASP D 77 -19.86 -30.50 5.85
C ASP D 77 -18.85 -29.37 6.02
N ASN D 78 -19.22 -28.34 6.80
CA ASN D 78 -18.35 -27.18 6.94
C ASN D 78 -17.20 -27.40 7.92
N ALA D 79 -17.24 -28.46 8.72
CA ALA D 79 -16.07 -28.80 9.53
C ALA D 79 -15.06 -29.60 8.72
N LYS D 80 -15.52 -30.61 7.97
CA LYS D 80 -14.61 -31.41 7.18
C LYS D 80 -14.32 -30.80 5.81
N HIS D 81 -15.09 -29.81 5.38
CA HIS D 81 -14.90 -29.16 4.07
C HIS D 81 -15.12 -30.16 2.94
N THR D 82 -16.28 -30.81 2.96
CA THR D 82 -16.66 -31.79 1.95
C THR D 82 -18.04 -31.43 1.40
N VAL D 83 -18.33 -31.95 0.21
CA VAL D 83 -19.65 -31.76 -0.37
C VAL D 83 -20.05 -33.08 -1.01
N ASP D 84 -21.24 -33.56 -0.68
CA ASP D 84 -21.69 -34.87 -1.10
C ASP D 84 -22.95 -34.78 -1.95
N LEU D 85 -23.07 -35.75 -2.87
CA LEU D 85 -24.26 -35.90 -3.71
C LEU D 85 -24.69 -37.35 -3.63
N GLN D 86 -25.86 -37.60 -3.04
CA GLN D 86 -26.45 -38.91 -2.97
C GLN D 86 -27.46 -39.03 -4.11
N MET D 87 -27.23 -39.95 -5.02
CA MET D 87 -28.13 -40.17 -6.16
C MET D 87 -28.92 -41.45 -5.95
N THR D 88 -30.21 -41.39 -6.24
CA THR D 88 -31.09 -42.55 -6.15
C THR D 88 -31.97 -42.62 -7.41
N ASN D 89 -32.55 -43.80 -7.62
CA ASN D 89 -33.37 -44.04 -8.82
C ASN D 89 -32.65 -43.56 -10.07
N LEU D 90 -31.43 -44.06 -10.26
CA LEU D 90 -30.61 -43.61 -11.37
C LEU D 90 -31.11 -44.21 -12.68
N LYS D 91 -30.88 -43.45 -13.75
CA LYS D 91 -31.34 -43.83 -15.08
C LYS D 91 -30.18 -43.75 -16.06
N PRO D 92 -30.22 -44.54 -17.15
CA PRO D 92 -29.13 -44.49 -18.14
C PRO D 92 -28.73 -43.06 -18.50
N GLU D 93 -29.73 -42.18 -18.62
CA GLU D 93 -29.49 -40.78 -18.97
C GLU D 93 -28.60 -40.05 -17.95
N ASP D 94 -28.40 -40.61 -16.76
CA ASP D 94 -27.57 -39.95 -15.77
C ASP D 94 -26.09 -40.25 -15.97
N THR D 95 -25.75 -41.08 -16.96
CA THR D 95 -24.37 -41.45 -17.23
C THR D 95 -23.58 -40.23 -17.67
N ALA D 96 -22.46 -39.97 -16.99
CA ALA D 96 -21.68 -38.78 -17.27
C ALA D 96 -20.49 -38.74 -16.33
N VAL D 97 -19.55 -37.86 -16.64
CA VAL D 97 -18.52 -37.47 -15.67
C VAL D 97 -19.10 -36.37 -14.79
N TYR D 98 -19.07 -36.56 -13.48
CA TYR D 98 -19.58 -35.59 -12.52
C TYR D 98 -18.41 -34.84 -11.90
N TYR D 99 -18.52 -33.51 -11.83
CA TYR D 99 -17.47 -32.62 -11.35
C TYR D 99 -17.96 -31.78 -10.18
N CYS D 100 -17.12 -31.61 -9.16
CA CYS D 100 -17.46 -30.70 -8.07
C CYS D 100 -16.83 -29.33 -8.33
N LYS D 101 -17.60 -28.28 -8.03
CA LYS D 101 -17.15 -26.90 -8.19
C LYS D 101 -17.22 -26.18 -6.85
N LEU D 102 -16.10 -25.57 -6.47
CA LEU D 102 -16.06 -24.58 -5.41
C LEU D 102 -16.10 -23.20 -6.08
N GLU D 103 -17.22 -22.52 -5.92
CA GLU D 103 -17.48 -21.28 -6.63
C GLU D 103 -17.39 -20.12 -5.63
N HIS D 104 -16.38 -19.28 -5.79
CA HIS D 104 -16.20 -18.19 -4.85
C HIS D 104 -17.42 -17.26 -4.86
N ASP D 105 -18.01 -17.02 -3.69
CA ASP D 105 -19.25 -16.27 -3.62
C ASP D 105 -19.09 -14.80 -3.96
N LEU D 106 -17.86 -14.30 -4.12
CA LEU D 106 -17.64 -12.93 -4.57
C LEU D 106 -17.13 -12.87 -6.01
N GLY D 107 -17.10 -14.00 -6.72
CA GLY D 107 -16.63 -14.03 -8.10
C GLY D 107 -15.12 -13.92 -8.27
N TYR D 108 -14.34 -14.09 -7.21
CA TYR D 108 -12.89 -13.93 -7.32
C TYR D 108 -12.27 -14.96 -8.25
N TYR D 109 -12.65 -16.23 -8.08
CA TYR D 109 -12.09 -17.36 -8.82
C TYR D 109 -12.83 -18.62 -8.38
N ASP D 110 -12.65 -19.69 -9.14
CA ASP D 110 -13.30 -20.97 -8.86
C ASP D 110 -12.28 -22.09 -8.86
N TYR D 111 -12.67 -23.21 -8.27
CA TYR D 111 -11.89 -24.44 -8.30
C TYR D 111 -12.80 -25.55 -8.82
N TRP D 112 -12.24 -26.43 -9.66
CA TRP D 112 -12.99 -27.55 -10.22
C TRP D 112 -12.27 -28.85 -9.93
N GLY D 113 -13.03 -29.89 -9.60
CA GLY D 113 -12.48 -31.21 -9.40
C GLY D 113 -12.07 -31.85 -10.71
N GLN D 114 -11.50 -33.05 -10.59
CA GLN D 114 -10.98 -33.76 -11.76
C GLN D 114 -12.09 -34.44 -12.55
N GLY D 115 -13.19 -34.81 -11.90
CA GLY D 115 -14.26 -35.54 -12.56
C GLY D 115 -14.32 -36.99 -12.14
N THR D 116 -15.53 -37.48 -11.82
CA THR D 116 -15.74 -38.84 -11.37
C THR D 116 -16.81 -39.47 -12.23
N GLN D 117 -16.55 -40.69 -12.72
CA GLN D 117 -17.45 -41.35 -13.66
C GLN D 117 -18.66 -41.94 -12.94
N VAL D 118 -19.83 -41.75 -13.53
CA VAL D 118 -21.07 -42.42 -13.11
C VAL D 118 -21.66 -43.11 -14.33
N THR D 119 -21.82 -44.42 -14.24
CA THR D 119 -22.34 -45.21 -15.36
C THR D 119 -23.59 -45.95 -14.92
N VAL D 120 -24.67 -45.81 -15.71
CA VAL D 120 -25.93 -46.47 -15.44
C VAL D 120 -26.29 -47.26 -16.69
N SER D 121 -26.40 -48.57 -16.55
CA SER D 121 -26.74 -49.44 -17.68
C SER D 121 -27.20 -50.79 -17.15
N SER D 122 -27.84 -51.55 -18.02
CA SER D 122 -28.41 -52.83 -17.63
C SER D 122 -27.46 -53.97 -17.91
N GLY E 4 8.37 14.32 -28.91
CA GLY E 4 9.71 13.97 -28.46
C GLY E 4 10.10 12.55 -28.85
N SER E 5 9.67 12.12 -30.04
CA SER E 5 9.99 10.77 -30.51
C SER E 5 11.40 10.70 -31.08
N GLN E 6 11.69 11.48 -32.12
CA GLN E 6 13.00 11.48 -32.77
C GLN E 6 13.93 12.39 -31.99
N VAL E 7 14.96 11.80 -31.39
CA VAL E 7 15.80 12.47 -30.41
C VAL E 7 17.24 12.50 -30.90
N GLN E 8 17.90 13.64 -30.69
CA GLN E 8 19.30 13.79 -31.02
C GLN E 8 20.04 14.42 -29.85
N LEU E 9 21.23 13.90 -29.55
CA LEU E 9 22.08 14.39 -28.47
C LEU E 9 23.49 14.51 -29.02
N VAL E 10 24.08 15.71 -28.91
CA VAL E 10 25.42 15.95 -29.43
C VAL E 10 26.25 16.57 -28.30
N GLU E 11 27.21 15.80 -27.79
CA GLU E 11 28.10 16.30 -26.74
C GLU E 11 29.26 17.06 -27.35
N SER E 12 29.87 17.91 -26.54
CA SER E 12 31.13 18.57 -26.87
C SER E 12 31.78 18.99 -25.56
N GLY E 13 32.97 19.57 -25.65
CA GLY E 13 33.67 20.08 -24.48
C GLY E 13 34.81 19.21 -23.98
N GLY E 14 34.99 18.01 -24.54
CA GLY E 14 36.07 17.16 -24.11
C GLY E 14 37.42 17.74 -24.50
N GLY E 15 38.47 17.24 -23.85
CA GLY E 15 39.79 17.74 -24.17
C GLY E 15 40.85 17.05 -23.34
N LEU E 16 42.09 17.46 -23.58
CA LEU E 16 43.24 17.00 -22.83
C LEU E 16 43.58 18.00 -21.74
N VAL E 17 43.59 17.54 -20.49
CA VAL E 17 43.78 18.39 -19.34
C VAL E 17 44.84 17.78 -18.43
N GLN E 18 45.51 18.64 -17.65
CA GLN E 18 46.47 18.13 -16.68
C GLN E 18 45.81 17.94 -15.32
N PRO E 19 46.38 17.09 -14.48
CA PRO E 19 45.74 16.80 -13.19
C PRO E 19 45.44 18.07 -12.43
N GLY E 20 44.27 18.12 -11.83
CA GLY E 20 43.80 19.34 -11.19
C GLY E 20 42.99 20.22 -12.11
N GLY E 21 43.07 20.01 -13.43
CA GLY E 21 42.46 20.90 -14.38
C GLY E 21 40.97 20.75 -14.46
N SER E 22 40.39 21.46 -15.42
CA SER E 22 38.95 21.66 -15.51
C SER E 22 38.50 21.52 -16.97
N LEU E 23 37.29 21.00 -17.15
CA LEU E 23 36.64 20.92 -18.44
C LEU E 23 35.16 21.15 -18.22
N ARG E 24 34.48 21.69 -19.24
CA ARG E 24 33.02 21.78 -19.21
C ARG E 24 32.44 21.06 -20.42
N LEU E 25 31.67 20.01 -20.14
CA LEU E 25 30.96 19.26 -21.17
C LEU E 25 29.58 19.86 -21.38
N SER E 26 29.13 19.81 -22.62
CA SER E 26 27.78 20.22 -22.97
C SER E 26 27.17 19.16 -23.89
N CYS E 27 25.85 19.12 -23.91
CA CYS E 27 25.13 18.24 -24.82
C CYS E 27 23.94 19.02 -25.37
N ALA E 28 23.94 19.28 -26.68
CA ALA E 28 22.81 19.92 -27.33
C ALA E 28 21.77 18.86 -27.66
N ALA E 29 20.55 19.04 -27.18
CA ALA E 29 19.46 18.10 -27.42
C ALA E 29 18.50 18.70 -28.43
N SER E 30 17.97 17.86 -29.31
CA SER E 30 16.96 18.30 -30.26
C SER E 30 15.93 17.19 -30.46
N GLY E 31 14.69 17.59 -30.77
CA GLY E 31 13.60 16.66 -30.98
C GLY E 31 12.69 16.47 -29.78
N PHE E 32 13.09 16.92 -28.60
CA PHE E 32 12.27 16.82 -27.40
C PHE E 32 12.63 17.97 -26.48
N THR E 33 11.81 18.20 -25.46
CA THR E 33 12.06 19.22 -24.45
C THR E 33 12.96 18.66 -23.36
N LEU E 34 14.22 19.11 -23.36
CA LEU E 34 15.21 18.54 -22.44
C LEU E 34 14.80 18.72 -20.98
N GLY E 35 14.26 19.89 -20.64
CA GLY E 35 13.86 20.19 -19.28
C GLY E 35 12.74 19.31 -18.75
N SER E 36 12.10 18.50 -19.59
CA SER E 36 11.02 17.65 -19.11
C SER E 36 11.47 16.23 -18.82
N ARG E 37 12.76 15.92 -18.95
CA ARG E 37 13.22 14.56 -18.79
C ARG E 37 14.33 14.45 -17.76
N TYR E 38 14.47 13.23 -17.24
CA TYR E 38 15.64 12.83 -16.45
C TYR E 38 16.77 12.51 -17.41
N MET E 39 17.94 13.13 -17.20
CA MET E 39 19.11 12.91 -18.11
C MET E 39 20.32 12.47 -17.27
N SER E 40 21.21 11.65 -17.85
CA SER E 40 22.37 11.11 -17.07
C SER E 40 23.70 11.31 -17.79
N TRP E 41 24.73 11.77 -17.09
CA TRP E 41 26.08 11.84 -17.69
C TRP E 41 26.76 10.51 -17.39
N VAL E 42 27.35 9.85 -18.32
CA VAL E 42 27.91 8.50 -18.14
C VAL E 42 29.29 8.51 -18.76
N ARG E 43 30.20 7.71 -18.19
CA ARG E 43 31.54 7.64 -18.77
C ARG E 43 31.95 6.19 -18.95
N GLN E 44 32.93 5.99 -19.82
CA GLN E 44 33.45 4.66 -20.09
C GLN E 44 34.94 4.77 -20.39
N ALA E 45 35.75 4.10 -19.59
CA ALA E 45 37.17 3.95 -19.86
C ALA E 45 37.41 2.76 -20.78
N PRO E 46 38.48 2.77 -21.57
CA PRO E 46 38.68 1.70 -22.55
C PRO E 46 38.63 0.32 -21.91
N GLY E 47 37.82 -0.57 -22.50
CA GLY E 47 37.70 -1.94 -22.04
C GLY E 47 36.96 -2.13 -20.74
N GLU E 48 36.15 -1.16 -20.33
CA GLU E 48 35.48 -1.21 -19.04
C GLU E 48 33.99 -0.95 -19.23
N GLY E 49 33.22 -1.26 -18.20
CA GLY E 49 31.82 -0.96 -18.21
C GLY E 49 31.55 0.53 -18.05
N PHE E 50 30.27 0.88 -18.16
CA PHE E 50 29.82 2.25 -17.99
C PHE E 50 29.77 2.62 -16.51
N GLU E 51 30.18 3.85 -16.19
CA GLU E 51 30.06 4.37 -14.85
C GLU E 51 29.12 5.58 -14.87
N TRP E 52 28.04 5.50 -14.08
CA TRP E 52 27.16 6.66 -13.90
C TRP E 52 27.93 7.80 -13.25
N VAL E 53 27.89 8.98 -13.87
CA VAL E 53 28.54 10.16 -13.31
C VAL E 53 27.55 11.01 -12.52
N SER E 54 26.41 11.33 -13.12
CA SER E 54 25.45 12.24 -12.51
C SER E 54 24.16 12.24 -13.31
N SER E 55 23.07 12.66 -12.66
CA SER E 55 21.79 12.85 -13.31
C SER E 55 21.20 14.19 -12.91
N ILE E 56 20.25 14.66 -13.71
CA ILE E 56 19.49 15.86 -13.40
C ILE E 56 18.02 15.59 -13.69
N GLU E 57 17.16 16.06 -12.80
CA GLU E 57 15.71 15.88 -12.86
C GLU E 57 15.05 16.98 -13.69
N PRO E 58 13.83 16.73 -14.17
CA PRO E 58 13.06 17.83 -14.79
C PRO E 58 13.02 19.08 -13.93
N SER E 59 12.96 18.91 -12.60
CA SER E 59 12.92 20.03 -11.67
C SER E 59 14.20 20.82 -11.65
N GLY E 60 15.30 20.27 -12.16
CA GLY E 60 16.58 20.90 -12.07
C GLY E 60 17.47 20.38 -10.96
N THR E 61 16.94 19.58 -10.04
CA THR E 61 17.78 18.97 -9.03
C THR E 61 18.77 18.00 -9.67
N ALA E 62 20.06 18.18 -9.35
CA ALA E 62 21.12 17.28 -9.80
C ALA E 62 21.52 16.29 -8.70
N TRP E 63 21.91 15.08 -9.10
CA TRP E 63 22.39 14.07 -8.20
C TRP E 63 23.72 13.53 -8.70
N ASP E 64 24.66 13.33 -7.79
CA ASP E 64 26.04 13.04 -8.14
C ASP E 64 26.36 11.57 -7.91
N GLY E 65 27.03 10.96 -8.88
CA GLY E 65 27.73 9.73 -8.60
C GLY E 65 29.04 10.04 -7.89
N ASP E 66 29.74 8.97 -7.50
CA ASP E 66 30.95 9.12 -6.71
C ASP E 66 31.97 10.02 -7.41
N SER E 67 32.13 9.88 -8.73
CA SER E 67 33.13 10.67 -9.42
C SER E 67 32.78 12.15 -9.47
N ALA E 68 31.49 12.51 -9.38
CA ALA E 68 31.07 13.90 -9.46
C ALA E 68 31.10 14.61 -8.11
N LYS E 69 30.99 13.87 -7.01
CA LYS E 69 30.73 14.47 -5.72
C LYS E 69 31.85 15.44 -5.32
N GLY E 70 31.44 16.66 -5.00
CA GLY E 70 32.38 17.70 -4.65
C GLY E 70 33.25 18.21 -5.78
N ARG E 71 33.02 17.75 -7.00
CA ARG E 71 33.89 18.15 -8.11
C ARG E 71 33.13 18.57 -9.37
N PHE E 72 32.06 17.87 -9.72
CA PHE E 72 31.36 18.12 -11.00
C PHE E 72 29.97 18.70 -10.73
N THR E 73 29.65 19.78 -11.43
CA THR E 73 28.33 20.40 -11.35
C THR E 73 27.55 20.11 -12.62
N THR E 74 26.40 19.46 -12.46
CA THR E 74 25.48 19.16 -13.56
C THR E 74 24.41 20.25 -13.60
N SER E 75 24.17 20.81 -14.79
CA SER E 75 23.19 21.89 -14.92
C SER E 75 22.57 21.84 -16.32
N ARG E 76 21.60 22.72 -16.56
CA ARG E 76 20.81 22.67 -17.78
C ARG E 76 20.31 24.06 -18.13
N ASP E 77 20.38 24.39 -19.42
CA ASP E 77 19.78 25.61 -19.94
C ASP E 77 18.51 25.18 -20.68
N ASP E 78 17.36 25.41 -20.05
CA ASP E 78 16.10 24.94 -20.60
C ASP E 78 15.84 25.55 -21.98
N ALA E 79 15.99 26.88 -22.08
CA ALA E 79 15.66 27.56 -23.33
C ALA E 79 16.60 27.15 -24.46
N LYS E 80 17.83 26.78 -24.15
CA LYS E 80 18.74 26.33 -25.18
C LYS E 80 18.74 24.82 -25.35
N ASN E 81 17.92 24.10 -24.57
CA ASN E 81 17.82 22.65 -24.69
C ASN E 81 19.20 21.99 -24.58
N THR E 82 20.00 22.44 -23.59
CA THR E 82 21.38 22.00 -23.48
C THR E 82 21.69 21.60 -22.04
N LEU E 83 22.39 20.48 -21.89
CA LEU E 83 22.83 19.99 -20.60
C LEU E 83 24.33 20.27 -20.44
N TYR E 84 24.77 20.35 -19.18
CA TYR E 84 26.16 20.73 -18.89
C TYR E 84 26.73 19.85 -17.80
N LEU E 85 28.04 19.64 -17.87
CA LEU E 85 28.79 19.00 -16.79
C LEU E 85 30.07 19.82 -16.61
N GLN E 86 30.08 20.66 -15.58
CA GLN E 86 31.28 21.41 -15.24
C GLN E 86 32.18 20.52 -14.38
N MET E 87 33.35 20.20 -14.90
CA MET E 87 34.27 19.33 -14.18
C MET E 87 35.41 20.16 -13.60
N SER E 88 35.92 19.71 -12.47
CA SER E 88 37.00 20.41 -11.80
C SER E 88 37.85 19.37 -11.09
N ASN E 89 39.08 19.77 -10.76
CA ASN E 89 40.05 18.91 -10.10
C ASN E 89 40.13 17.52 -10.76
N LEU E 90 40.21 17.52 -12.09
CA LEU E 90 40.26 16.27 -12.84
C LEU E 90 41.54 15.51 -12.52
N GLN E 91 41.44 14.18 -12.58
CA GLN E 91 42.53 13.29 -12.24
C GLN E 91 42.60 12.17 -13.27
N PRO E 92 43.78 11.55 -13.43
CA PRO E 92 43.95 10.55 -14.50
C PRO E 92 42.85 9.50 -14.55
N GLU E 93 42.33 9.08 -13.40
CA GLU E 93 41.28 8.08 -13.36
C GLU E 93 39.96 8.59 -13.93
N ASP E 94 39.85 9.88 -14.23
CA ASP E 94 38.66 10.42 -14.86
C ASP E 94 38.68 10.25 -16.38
N THR E 95 39.78 9.74 -16.94
CA THR E 95 39.90 9.61 -18.37
C THR E 95 38.88 8.64 -18.92
N GLY E 96 38.36 8.92 -20.10
CA GLY E 96 37.38 8.07 -20.73
C GLY E 96 36.50 8.88 -21.67
N VAL E 97 35.55 8.16 -22.30
CA VAL E 97 34.54 8.81 -23.12
C VAL E 97 33.34 9.13 -22.23
N TYR E 98 32.81 10.33 -22.39
CA TYR E 98 31.71 10.83 -21.58
C TYR E 98 30.49 11.01 -22.47
N TYR E 99 29.37 10.43 -22.04
CA TYR E 99 28.14 10.44 -22.79
C TYR E 99 27.07 11.18 -22.02
N CYS E 100 26.20 11.85 -22.75
CA CYS E 100 24.92 12.27 -22.23
C CYS E 100 23.92 11.21 -22.65
N ALA E 101 23.12 10.72 -21.69
CA ALA E 101 22.19 9.64 -21.95
C ALA E 101 20.88 9.98 -21.27
N THR E 102 19.78 9.58 -21.91
CA THR E 102 18.48 9.76 -21.28
C THR E 102 18.35 8.83 -20.08
N GLY E 103 17.45 9.20 -19.16
CA GLY E 103 17.12 8.39 -18.02
C GLY E 103 17.85 8.84 -16.76
N TYR E 104 17.43 8.29 -15.63
CA TYR E 104 18.03 8.56 -14.33
C TYR E 104 18.99 7.43 -13.95
N ARG E 105 20.19 7.81 -13.48
CA ARG E 105 21.23 6.85 -13.08
C ARG E 105 21.58 5.87 -14.22
N THR E 106 21.50 6.33 -15.45
CA THR E 106 21.79 5.45 -16.58
C THR E 106 23.24 4.96 -16.53
N ASP E 107 23.43 3.64 -16.69
CA ASP E 107 24.77 3.09 -16.85
C ASP E 107 24.80 1.84 -17.73
N THR E 108 23.77 1.62 -18.55
CA THR E 108 23.78 0.55 -19.53
C THR E 108 22.92 0.99 -20.71
N ARG E 109 23.19 0.44 -21.88
CA ARG E 109 22.39 0.77 -23.05
C ARG E 109 21.08 -0.01 -22.97
N ILE E 110 19.97 0.71 -22.90
CA ILE E 110 18.66 0.14 -22.63
C ILE E 110 17.76 0.49 -23.82
N PRO E 111 17.03 -0.48 -24.38
CA PRO E 111 16.12 -0.16 -25.49
C PRO E 111 15.25 1.02 -25.11
N GLY E 112 15.09 1.95 -26.06
CA GLY E 112 14.34 3.16 -25.83
C GLY E 112 15.14 4.30 -25.24
N GLY E 113 16.35 4.03 -24.72
CA GLY E 113 17.23 5.09 -24.26
C GLY E 113 18.04 5.66 -25.41
N SER E 114 18.30 6.97 -25.35
CA SER E 114 19.09 7.63 -26.37
C SER E 114 20.41 8.13 -25.79
N TRP E 115 21.46 8.07 -26.61
CA TRP E 115 22.80 8.47 -26.23
C TRP E 115 23.34 9.44 -27.25
N GLY E 116 24.18 10.37 -26.78
CA GLY E 116 25.03 11.12 -27.67
C GLY E 116 26.18 10.26 -28.17
N GLN E 117 27.01 10.86 -29.00
CA GLN E 117 28.14 10.15 -29.58
C GLN E 117 29.34 10.10 -28.64
N GLY E 118 29.30 10.83 -27.53
CA GLY E 118 30.40 10.85 -26.59
C GLY E 118 31.43 11.93 -26.91
N THR E 119 32.17 12.33 -25.88
CA THR E 119 33.27 13.26 -26.04
C THR E 119 34.41 12.80 -25.15
N GLN E 120 35.63 12.84 -25.68
CA GLN E 120 36.78 12.26 -25.01
C GLN E 120 37.33 13.19 -23.94
N VAL E 121 37.56 12.65 -22.75
CA VAL E 121 38.18 13.37 -21.64
C VAL E 121 39.46 12.64 -21.27
N THR E 122 40.60 13.31 -21.40
CA THR E 122 41.89 12.71 -21.07
C THR E 122 42.61 13.59 -20.08
N VAL E 123 43.01 13.00 -18.96
CA VAL E 123 43.70 13.69 -17.88
C VAL E 123 45.08 13.06 -17.72
N SER E 124 46.11 13.79 -18.12
CA SER E 124 47.47 13.26 -18.11
C SER E 124 48.45 14.41 -17.85
N SER E 125 49.57 14.08 -17.24
CA SER E 125 50.60 15.08 -16.94
C SER E 125 51.76 14.98 -17.91
N SER F 5 4.89 -16.43 -18.65
CA SER F 5 5.98 -15.49 -18.44
C SER F 5 5.90 -14.33 -19.42
N GLN F 6 6.12 -14.61 -20.71
CA GLN F 6 6.08 -13.56 -21.72
C GLN F 6 4.65 -13.23 -22.09
N LEU F 7 4.39 -11.94 -22.31
CA LEU F 7 3.05 -11.46 -22.61
C LEU F 7 2.65 -11.88 -24.02
N GLN F 8 1.49 -12.51 -24.16
CA GLN F 8 1.02 -12.92 -25.47
C GLN F 8 -0.50 -13.08 -25.45
N LEU F 9 -1.13 -12.69 -26.56
CA LEU F 9 -2.54 -12.95 -26.83
C LEU F 9 -2.65 -13.51 -28.24
N VAL F 10 -3.25 -14.69 -28.38
CA VAL F 10 -3.31 -15.40 -29.65
C VAL F 10 -4.77 -15.71 -29.96
N GLU F 11 -5.32 -15.05 -30.96
CA GLU F 11 -6.64 -15.42 -31.47
C GLU F 11 -6.52 -16.58 -32.43
N SER F 12 -7.54 -17.44 -32.43
CA SER F 12 -7.58 -18.54 -33.37
C SER F 12 -9.03 -18.97 -33.51
N GLY F 13 -9.28 -19.84 -34.49
CA GLY F 13 -10.60 -20.38 -34.72
C GLY F 13 -11.36 -19.75 -35.87
N GLY F 14 -10.78 -18.75 -36.53
CA GLY F 14 -11.46 -18.13 -37.65
C GLY F 14 -11.43 -18.99 -38.89
N GLY F 15 -12.18 -18.54 -39.90
CA GLY F 15 -12.25 -19.27 -41.15
C GLY F 15 -13.34 -18.68 -42.02
N THR F 16 -13.66 -19.42 -43.08
CA THR F 16 -14.71 -19.02 -44.02
C THR F 16 -15.93 -19.90 -43.78
N VAL F 17 -17.05 -19.27 -43.46
CA VAL F 17 -18.33 -19.97 -43.34
C VAL F 17 -19.36 -19.29 -44.22
N GLN F 18 -20.56 -19.89 -44.29
CA GLN F 18 -21.69 -19.40 -45.04
C GLN F 18 -22.65 -18.65 -44.13
N PRO F 19 -23.50 -17.80 -44.68
CA PRO F 19 -24.51 -17.13 -43.86
C PRO F 19 -25.33 -18.14 -43.07
N GLY F 20 -25.60 -17.82 -41.80
CA GLY F 20 -26.27 -18.72 -40.91
C GLY F 20 -25.36 -19.69 -40.18
N GLY F 21 -24.07 -19.73 -40.52
CA GLY F 21 -23.14 -20.67 -39.96
C GLY F 21 -22.67 -20.28 -38.57
N THR F 22 -21.72 -21.06 -38.07
CA THR F 22 -21.25 -20.95 -36.70
C THR F 22 -19.73 -21.08 -36.66
N LEU F 23 -19.10 -20.25 -35.82
CA LEU F 23 -17.67 -20.32 -35.53
C LEU F 23 -17.47 -20.02 -34.05
N ARG F 24 -16.49 -20.70 -33.45
CA ARG F 24 -16.07 -20.43 -32.09
C ARG F 24 -14.62 -19.92 -32.14
N LEU F 25 -14.42 -18.67 -31.75
CA LEU F 25 -13.07 -18.10 -31.68
C LEU F 25 -12.48 -18.33 -30.29
N SER F 26 -11.17 -18.48 -30.25
CA SER F 26 -10.42 -18.62 -29.01
C SER F 26 -9.46 -17.45 -28.87
N CYS F 27 -9.21 -17.07 -27.63
CA CYS F 27 -8.25 -16.02 -27.27
C CYS F 27 -7.43 -16.59 -26.11
N ALA F 28 -6.23 -17.09 -26.42
CA ALA F 28 -5.35 -17.69 -25.42
C ALA F 28 -4.41 -16.63 -24.85
N ALA F 29 -4.41 -16.47 -23.53
CA ALA F 29 -3.58 -15.46 -22.88
C ALA F 29 -2.37 -16.09 -22.22
N SER F 30 -1.21 -15.44 -22.39
CA SER F 30 0.03 -15.83 -21.73
C SER F 30 0.66 -14.60 -21.07
N GLY F 31 1.34 -14.83 -19.95
CA GLY F 31 2.02 -13.77 -19.25
C GLY F 31 1.18 -13.01 -18.25
N PHE F 32 -0.13 -13.23 -18.24
CA PHE F 32 -0.99 -12.60 -17.25
C PHE F 32 -2.16 -13.54 -16.99
N THR F 33 -2.90 -13.26 -15.93
CA THR F 33 -4.00 -14.11 -15.51
C THR F 33 -5.33 -13.42 -15.72
N LEU F 34 -6.32 -14.20 -16.19
CA LEU F 34 -7.68 -13.71 -16.34
C LEU F 34 -8.32 -13.40 -15.00
N ASP F 35 -7.73 -13.90 -13.90
CA ASP F 35 -8.20 -13.51 -12.58
C ASP F 35 -8.22 -11.99 -12.41
N GLU F 36 -7.42 -11.26 -13.20
CA GLU F 36 -7.38 -9.82 -13.02
C GLU F 36 -7.45 -9.06 -14.34
N TYR F 37 -7.78 -9.73 -15.45
CA TYR F 37 -7.90 -9.04 -16.72
C TYR F 37 -9.24 -9.33 -17.37
N ALA F 38 -9.89 -8.26 -17.81
CA ALA F 38 -11.02 -8.35 -18.72
C ALA F 38 -10.51 -8.65 -20.12
N ILE F 39 -11.35 -9.29 -20.92
CA ILE F 39 -11.03 -9.57 -22.33
C ILE F 39 -12.20 -9.14 -23.18
N GLY F 40 -11.93 -8.26 -24.15
CA GLY F 40 -12.93 -7.83 -25.10
C GLY F 40 -12.57 -8.33 -26.49
N TRP F 41 -13.60 -8.60 -27.28
CA TRP F 41 -13.44 -8.97 -28.68
C TRP F 41 -13.77 -7.79 -29.58
N PHE F 42 -12.97 -7.61 -30.63
CA PHE F 42 -13.14 -6.55 -31.59
C PHE F 42 -13.08 -7.14 -32.99
N ARG F 43 -13.57 -6.37 -33.95
CA ARG F 43 -13.51 -6.79 -35.34
C ARG F 43 -13.31 -5.56 -36.22
N GLN F 44 -12.58 -5.78 -37.31
CA GLN F 44 -12.32 -4.72 -38.29
C GLN F 44 -12.52 -5.32 -39.67
N ALA F 45 -13.55 -4.85 -40.38
CA ALA F 45 -13.78 -5.19 -41.77
C ALA F 45 -12.94 -4.26 -42.66
N PRO F 46 -12.52 -4.74 -43.83
CA PRO F 46 -11.70 -3.90 -44.70
C PRO F 46 -12.36 -2.55 -44.98
N GLY F 47 -11.68 -1.47 -44.62
CA GLY F 47 -12.17 -0.13 -44.92
C GLY F 47 -13.07 0.51 -43.88
N LYS F 48 -13.42 -0.19 -42.80
CA LYS F 48 -14.22 0.42 -41.75
C LYS F 48 -13.46 0.43 -40.45
N GLU F 49 -13.97 1.20 -39.49
CA GLU F 49 -13.33 1.31 -38.19
C GLU F 49 -13.39 -0.03 -37.45
N ARG F 50 -12.53 -0.16 -36.43
CA ARG F 50 -12.70 -1.20 -35.43
C ARG F 50 -14.03 -0.99 -34.71
N GLU F 51 -14.66 -2.09 -34.30
CA GLU F 51 -15.84 -1.99 -33.47
C GLU F 51 -15.78 -3.04 -32.38
N GLY F 52 -16.27 -2.67 -31.19
CA GLY F 52 -16.37 -3.63 -30.12
C GLY F 52 -17.49 -4.63 -30.35
N VAL F 53 -17.28 -5.85 -29.89
CA VAL F 53 -18.22 -6.94 -30.06
C VAL F 53 -18.78 -7.40 -28.72
N SER F 54 -17.92 -7.67 -27.76
CA SER F 54 -18.32 -8.25 -26.50
C SER F 54 -17.13 -8.18 -25.55
N CYS F 55 -17.41 -8.16 -24.25
CA CYS F 55 -16.33 -8.17 -23.29
C CYS F 55 -16.76 -8.94 -22.05
N ILE F 56 -15.78 -9.61 -21.41
CA ILE F 56 -16.04 -10.39 -20.21
C ILE F 56 -14.99 -10.00 -19.18
N SER F 57 -15.44 -9.47 -18.06
CA SER F 57 -14.50 -8.88 -17.11
C SER F 57 -13.83 -9.96 -16.25
N SER F 58 -12.94 -9.50 -15.35
CA SER F 58 -12.20 -10.43 -14.49
C SER F 58 -13.15 -11.17 -13.55
N SER F 59 -14.27 -10.56 -13.21
CA SER F 59 -15.29 -11.25 -12.42
C SER F 59 -16.42 -11.77 -13.32
N ALA F 60 -16.17 -11.88 -14.64
CA ALA F 60 -17.11 -12.45 -15.60
C ALA F 60 -18.35 -11.60 -15.81
N SER F 61 -18.27 -10.30 -15.55
CA SER F 61 -19.31 -9.37 -15.99
C SER F 61 -19.27 -9.27 -17.52
N ILE F 62 -20.43 -9.41 -18.17
CA ILE F 62 -20.51 -9.64 -19.61
C ILE F 62 -21.31 -8.54 -20.28
N SER F 63 -20.84 -8.07 -21.43
CA SER F 63 -21.55 -7.09 -22.23
C SER F 63 -21.46 -7.47 -23.71
N TYR F 64 -22.45 -7.02 -24.50
CA TYR F 64 -22.51 -7.26 -25.93
C TYR F 64 -22.90 -6.00 -26.69
N ALA F 65 -22.32 -5.82 -27.87
CA ALA F 65 -22.84 -4.82 -28.79
C ALA F 65 -24.24 -5.24 -29.25
N ASP F 66 -25.10 -4.25 -29.43
CA ASP F 66 -26.48 -4.51 -29.84
C ASP F 66 -26.55 -5.45 -31.04
N SER F 67 -25.80 -5.15 -32.10
CA SER F 67 -25.89 -5.91 -33.35
C SER F 67 -25.48 -7.38 -33.19
N VAL F 68 -25.22 -7.85 -31.98
CA VAL F 68 -24.63 -9.17 -31.78
C VAL F 68 -25.36 -9.93 -30.67
N LYS F 69 -26.25 -9.24 -29.94
CA LYS F 69 -26.97 -9.85 -28.84
C LYS F 69 -27.91 -10.95 -29.34
N GLY F 70 -27.94 -12.07 -28.61
CA GLY F 70 -28.70 -13.21 -29.04
C GLY F 70 -28.06 -14.04 -30.12
N ARG F 71 -26.92 -13.61 -30.67
CA ARG F 71 -26.19 -14.34 -31.69
C ARG F 71 -24.84 -14.83 -31.22
N PHE F 72 -24.08 -13.99 -30.51
CA PHE F 72 -22.78 -14.34 -29.98
C PHE F 72 -22.87 -14.55 -28.47
N THR F 73 -22.04 -15.46 -27.97
CA THR F 73 -21.88 -15.69 -26.54
C THR F 73 -20.39 -15.67 -26.22
N ILE F 74 -20.00 -14.82 -25.29
CA ILE F 74 -18.64 -14.78 -24.77
C ILE F 74 -18.58 -15.66 -23.53
N SER F 75 -17.48 -16.38 -23.35
CA SER F 75 -17.28 -17.22 -22.18
C SER F 75 -15.79 -17.38 -21.95
N ARG F 76 -15.45 -18.13 -20.90
CA ARG F 76 -14.12 -18.07 -20.34
C ARG F 76 -13.76 -19.37 -19.64
N ASP F 77 -12.52 -19.83 -19.80
CA ASP F 77 -11.97 -20.94 -19.03
C ASP F 77 -10.70 -20.44 -18.34
N ASN F 78 -10.83 -20.01 -17.08
CA ASN F 78 -9.69 -19.47 -16.36
C ASN F 78 -8.58 -20.49 -16.20
N ALA F 79 -8.93 -21.77 -16.04
CA ALA F 79 -7.91 -22.82 -15.96
C ALA F 79 -7.06 -22.86 -17.23
N LYS F 80 -7.67 -22.66 -18.39
CA LYS F 80 -6.92 -22.59 -19.64
C LYS F 80 -6.44 -21.17 -19.96
N ASN F 81 -6.74 -20.20 -19.11
CA ASN F 81 -6.41 -18.80 -19.38
C ASN F 81 -6.87 -18.39 -20.79
N THR F 82 -8.08 -18.83 -21.17
CA THR F 82 -8.60 -18.60 -22.52
C THR F 82 -10.02 -18.07 -22.49
N VAL F 83 -10.32 -17.15 -23.40
CA VAL F 83 -11.65 -16.60 -23.57
C VAL F 83 -12.18 -17.03 -24.95
N TYR F 84 -13.46 -17.36 -25.03
CA TYR F 84 -14.06 -17.85 -26.25
C TYR F 84 -15.19 -16.94 -26.70
N LEU F 85 -15.40 -16.86 -28.01
CA LEU F 85 -16.53 -16.16 -28.61
C LEU F 85 -17.23 -17.14 -29.54
N THR F 86 -18.36 -17.66 -29.10
CA THR F 86 -19.13 -18.57 -29.93
C THR F 86 -20.13 -17.74 -30.74
N MET F 87 -20.02 -17.80 -32.05
CA MET F 87 -20.79 -16.96 -32.96
C MET F 87 -21.74 -17.84 -33.76
N ASN F 88 -23.04 -17.61 -33.62
CA ASN F 88 -24.09 -18.26 -34.38
C ASN F 88 -24.74 -17.26 -35.32
N SER F 89 -25.46 -17.78 -36.32
CA SER F 89 -26.25 -16.95 -37.22
C SER F 89 -25.38 -15.91 -37.90
N LEU F 90 -24.20 -16.32 -38.35
CA LEU F 90 -23.28 -15.38 -38.95
C LEU F 90 -23.89 -14.78 -40.20
N LYS F 91 -23.65 -13.48 -40.38
CA LYS F 91 -24.14 -12.72 -41.53
C LYS F 91 -22.95 -12.16 -42.29
N PRO F 92 -23.12 -11.87 -43.58
CA PRO F 92 -22.04 -11.22 -44.33
C PRO F 92 -21.44 -10.03 -43.59
N GLU F 93 -22.27 -9.27 -42.86
CA GLU F 93 -21.77 -8.10 -42.15
C GLU F 93 -20.73 -8.46 -41.09
N ASP F 94 -20.76 -9.68 -40.56
CA ASP F 94 -19.83 -10.10 -39.52
C ASP F 94 -18.43 -10.39 -40.04
N THR F 95 -18.22 -10.27 -41.35
CA THR F 95 -16.93 -10.51 -41.97
C THR F 95 -15.89 -9.51 -41.46
N GLY F 96 -14.70 -10.01 -41.17
CA GLY F 96 -13.61 -9.15 -40.77
C GLY F 96 -12.58 -9.92 -39.96
N VAL F 97 -11.50 -9.22 -39.63
CA VAL F 97 -10.49 -9.75 -38.71
C VAL F 97 -10.96 -9.49 -37.28
N TYR F 98 -10.97 -10.53 -36.46
CA TYR F 98 -11.41 -10.45 -35.07
C TYR F 98 -10.19 -10.46 -34.14
N TYR F 99 -10.19 -9.54 -33.17
CA TYR F 99 -9.11 -9.36 -32.22
C TYR F 99 -9.65 -9.47 -30.80
N CYS F 100 -8.81 -9.96 -29.90
CA CYS F 100 -9.11 -9.86 -28.47
C CYS F 100 -8.08 -8.96 -27.81
N ALA F 101 -8.54 -8.17 -26.85
CA ALA F 101 -7.69 -7.22 -26.14
C ALA F 101 -7.97 -7.29 -24.64
N ARG F 102 -6.90 -7.22 -23.85
CA ARG F 102 -7.05 -7.24 -22.39
C ARG F 102 -7.21 -5.83 -21.84
N ALA F 103 -7.90 -5.75 -20.70
CA ALA F 103 -7.99 -4.52 -19.91
C ALA F 103 -7.98 -4.91 -18.45
N PHE F 104 -7.27 -4.13 -17.63
CA PHE F 104 -7.07 -4.51 -16.23
C PHE F 104 -8.38 -4.48 -15.47
N LEU F 105 -8.78 -5.63 -14.92
CA LEU F 105 -9.95 -5.78 -14.05
C LEU F 105 -11.28 -5.68 -14.77
N ALA F 106 -11.55 -4.54 -15.41
CA ALA F 106 -12.89 -4.19 -15.86
C ALA F 106 -12.97 -4.10 -17.38
N CYS F 107 -14.18 -4.28 -17.89
CA CYS F 107 -14.44 -4.08 -19.31
C CYS F 107 -14.57 -2.59 -19.61
N GLY F 108 -14.12 -2.19 -20.79
CA GLY F 108 -14.48 -0.90 -21.33
C GLY F 108 -15.88 -0.94 -21.95
N PRO F 109 -16.32 0.21 -22.45
CA PRO F 109 -17.63 0.27 -23.11
C PRO F 109 -17.57 -0.37 -24.49
N VAL F 110 -18.75 -0.77 -24.98
CA VAL F 110 -18.82 -1.39 -26.29
C VAL F 110 -18.38 -0.41 -27.38
N ALA F 111 -18.73 0.87 -27.23
CA ALA F 111 -18.25 1.92 -28.11
C ALA F 111 -17.66 3.05 -27.28
N GLY F 112 -16.70 3.76 -27.87
CA GLY F 112 -16.07 4.86 -27.19
C GLY F 112 -15.07 4.47 -26.13
N TRP F 113 -14.51 3.25 -26.21
CA TRP F 113 -13.48 2.83 -25.27
C TRP F 113 -12.23 3.70 -25.40
N GLY F 114 -11.36 3.61 -24.40
CA GLY F 114 -10.13 4.37 -24.39
C GLY F 114 -8.92 3.46 -24.35
N THR F 115 -7.82 3.98 -23.82
CA THR F 115 -6.58 3.21 -23.72
C THR F 115 -6.63 2.13 -22.67
N GLU F 116 -7.76 1.85 -22.03
CA GLU F 116 -7.80 0.75 -21.08
C GLU F 116 -7.45 -0.58 -21.73
N TYR F 117 -7.70 -0.73 -23.03
CA TYR F 117 -7.27 -1.93 -23.74
C TYR F 117 -5.81 -1.72 -24.14
N ASP F 118 -4.89 -2.31 -23.38
CA ASP F 118 -3.47 -2.00 -23.51
C ASP F 118 -2.68 -3.04 -24.29
N TYR F 119 -3.30 -4.15 -24.66
CA TYR F 119 -2.57 -5.19 -25.38
C TYR F 119 -3.59 -6.01 -26.15
N TRP F 120 -3.21 -6.46 -27.34
CA TRP F 120 -4.12 -7.27 -28.15
C TRP F 120 -3.31 -8.15 -29.10
N GLY F 121 -4.00 -9.09 -29.73
CA GLY F 121 -3.36 -10.07 -30.59
C GLY F 121 -3.32 -9.63 -32.05
N GLN F 122 -2.74 -10.51 -32.87
CA GLN F 122 -2.67 -10.27 -34.30
C GLN F 122 -3.99 -10.49 -35.02
N GLY F 123 -4.97 -11.13 -34.38
CA GLY F 123 -6.28 -11.27 -34.95
C GLY F 123 -6.45 -12.59 -35.70
N THR F 124 -7.72 -12.92 -35.97
CA THR F 124 -8.08 -14.12 -36.73
C THR F 124 -9.18 -13.75 -37.72
N GLN F 125 -9.06 -14.26 -38.94
CA GLN F 125 -9.94 -13.84 -40.03
C GLN F 125 -11.25 -14.60 -40.00
N VAL F 126 -12.36 -13.87 -40.09
CA VAL F 126 -13.70 -14.43 -40.17
C VAL F 126 -14.33 -13.95 -41.47
N THR F 127 -14.67 -14.89 -42.35
CA THR F 127 -15.32 -14.59 -43.61
C THR F 127 -16.66 -15.31 -43.67
N VAL F 128 -17.72 -14.55 -43.96
CA VAL F 128 -19.07 -15.09 -44.07
C VAL F 128 -19.57 -14.76 -45.46
N SER F 129 -19.64 -15.76 -46.33
CA SER F 129 -20.02 -15.53 -47.71
C SER F 129 -20.70 -16.75 -48.30
N SER F 130 -21.64 -16.50 -49.21
CA SER F 130 -22.34 -17.56 -49.92
C SER F 130 -21.45 -18.18 -50.97
#